data_3KZU
#
_entry.id   3KZU
#
_cell.length_a   118.020
_cell.length_b   62.320
_cell.length_c   177.720
_cell.angle_alpha   90.000
_cell.angle_beta   109.180
_cell.angle_gamma   90.000
#
_symmetry.space_group_name_H-M   'C 1 2 1'
#
loop_
_entity.id
_entity.type
_entity.pdbx_description
1 polymer '3-oxoacyl-(Acyl-carrier-protein) synthase ii'
2 non-polymer 1,2-ETHANEDIOL
3 non-polymer 'SULFATE ION'
4 water water
#
_entity_poly.entity_id   1
_entity_poly.type   'polypeptide(L)'
_entity_poly.pdbx_seq_one_letter_code
;MAHHHHHHMRRVVITGLGLVSPLASGVEETWKRLLAGESGARRVTEFEVDDLACQIACRIPVGDGTNGTFNPDLHMDPKE
QRKVDPFIVYAVGAADQALDDAGWHPENDEDQVRTGVLIGSGIGGIEGIVEAGYTLRDKGPRRISPFFIPGRLINLASGH
VSIKHKLRGPNHSVVTACATGTHAIGDAARLIAFGDADVMVAGGTESPVSRISLAGFAACKALSTERNDDPTAASRPYDE
DRDGFVMGEGAGIVVLEELEHALARGAKIYAEVIGYGMSGDAFHITAPTESGEGAQRCMVAALKRAGIVPDEIDYINAHG
TSTMADTIELGAVERVVGEAAAKISMSSTKSSIGHLLGAAGAAEAVFSTLAIRDNIAPATLNLDNPAAQTRIDLVPHKPR
ERKIDVALSNSFGFGGTNASLVLRRYTA
;
_entity_poly.pdbx_strand_id   A,B,C
#
loop_
_chem_comp.id
_chem_comp.type
_chem_comp.name
_chem_comp.formula
EDO non-polymer 1,2-ETHANEDIOL 'C2 H6 O2'
SO4 non-polymer 'SULFATE ION' 'O4 S -2'
#
# COMPACT_ATOMS: atom_id res chain seq x y z
N MET A 9 -41.15 -9.23 -1.53
CA MET A 9 -40.05 -9.53 -2.52
C MET A 9 -40.65 -9.89 -3.88
N ARG A 10 -40.22 -9.18 -4.92
CA ARG A 10 -40.79 -9.40 -6.23
C ARG A 10 -39.95 -10.41 -7.02
N ARG A 11 -40.61 -11.06 -7.97
CA ARG A 11 -39.95 -12.01 -8.87
C ARG A 11 -39.28 -11.29 -10.05
N VAL A 12 -38.21 -11.90 -10.54
CA VAL A 12 -37.32 -11.24 -11.50
C VAL A 12 -37.06 -12.20 -12.65
N VAL A 13 -37.35 -11.74 -13.86
CA VAL A 13 -37.15 -12.57 -15.03
C VAL A 13 -36.19 -11.93 -16.04
N ILE A 14 -35.67 -12.74 -16.95
CA ILE A 14 -34.75 -12.27 -17.99
C ILE A 14 -35.53 -12.04 -19.29
N THR A 15 -35.49 -10.82 -19.78
CA THR A 15 -36.31 -10.45 -20.96
C THR A 15 -35.48 -9.96 -22.15
N GLY A 16 -34.16 -9.93 -22.00
CA GLY A 16 -33.28 -9.52 -23.08
C GLY A 16 -31.91 -10.11 -22.87
N LEU A 17 -31.24 -10.46 -23.97
CA LEU A 17 -29.88 -10.95 -23.94
C LEU A 17 -28.98 -10.17 -24.89
N GLY A 18 -27.73 -9.97 -24.48
CA GLY A 18 -26.71 -9.35 -25.35
C GLY A 18 -25.35 -9.97 -25.11
N LEU A 19 -24.56 -10.11 -26.17
CA LEU A 19 -23.26 -10.77 -26.02
C LEU A 19 -22.28 -10.33 -27.09
N VAL A 20 -21.12 -9.86 -26.65
CA VAL A 20 -19.97 -9.63 -27.56
C VAL A 20 -18.93 -10.65 -27.11
N SER A 21 -18.64 -11.65 -27.95
CA SER A 21 -17.84 -12.76 -27.48
C SER A 21 -16.69 -13.11 -28.43
N PRO A 22 -15.77 -14.00 -27.99
CA PRO A 22 -14.70 -14.43 -28.91
C PRO A 22 -15.17 -15.25 -30.10
N LEU A 23 -16.43 -15.72 -30.08
CA LEU A 23 -16.98 -16.39 -31.26
C LEU A 23 -17.70 -15.48 -32.25
N ALA A 24 -18.34 -14.43 -31.73
CA ALA A 24 -19.22 -13.55 -32.53
C ALA A 24 -19.66 -12.35 -31.69
N SER A 25 -20.01 -11.26 -32.38
CA SER A 25 -20.89 -10.27 -31.79
C SER A 25 -22.32 -10.70 -32.12
N GLY A 26 -23.12 -10.89 -31.08
CA GLY A 26 -24.52 -11.29 -31.23
C GLY A 26 -24.78 -12.55 -30.44
N VAL A 27 -25.93 -12.61 -29.79
CA VAL A 27 -26.34 -13.75 -28.99
C VAL A 27 -26.54 -15.04 -29.82
N GLU A 28 -27.38 -14.98 -30.85
CA GLU A 28 -27.72 -16.20 -31.58
C GLU A 28 -26.52 -16.71 -32.35
N GLU A 29 -25.72 -15.77 -32.86
CA GLU A 29 -24.55 -16.18 -33.64
C GLU A 29 -23.47 -16.81 -32.76
N THR A 30 -23.23 -16.26 -31.56
CA THR A 30 -22.33 -16.89 -30.60
C THR A 30 -22.82 -18.30 -30.24
N TRP A 31 -24.11 -18.41 -29.92
CA TRP A 31 -24.72 -19.66 -29.49
C TRP A 31 -24.63 -20.72 -30.60
N LYS A 32 -24.90 -20.33 -31.84
CA LYS A 32 -24.81 -21.25 -32.96
C LYS A 32 -23.38 -21.79 -33.07
N ARG A 33 -22.41 -20.89 -33.05
CA ARG A 33 -21.00 -21.27 -33.14
C ARG A 33 -20.52 -22.10 -31.94
N LEU A 34 -20.98 -21.72 -30.75
CA LEU A 34 -20.69 -22.49 -29.51
C LEU A 34 -21.12 -23.98 -29.65
N LEU A 35 -22.37 -24.15 -30.07
CA LEU A 35 -22.98 -25.47 -30.17
C LEU A 35 -22.36 -26.26 -31.31
N ALA A 36 -21.80 -25.56 -32.30
CA ALA A 36 -21.18 -26.22 -33.42
C ALA A 36 -19.78 -26.68 -33.05
N GLY A 37 -19.30 -26.27 -31.88
CA GLY A 37 -18.01 -26.73 -31.37
C GLY A 37 -16.84 -25.86 -31.81
N GLU A 38 -17.13 -24.63 -32.22
CA GLU A 38 -16.07 -23.67 -32.62
C GLU A 38 -15.36 -23.10 -31.40
N SER A 39 -14.08 -22.77 -31.57
CA SER A 39 -13.26 -22.19 -30.52
C SER A 39 -12.87 -20.78 -30.90
N GLY A 40 -12.80 -19.89 -29.90
CA GLY A 40 -12.33 -18.52 -30.14
C GLY A 40 -10.83 -18.35 -29.92
N ALA A 41 -10.12 -19.43 -29.57
CA ALA A 41 -8.69 -19.34 -29.23
C ALA A 41 -7.80 -19.23 -30.47
N ARG A 42 -6.85 -18.31 -30.39
CA ARG A 42 -5.88 -18.09 -31.47
C ARG A 42 -4.65 -17.39 -30.97
N ARG A 43 -3.60 -17.40 -31.80
CA ARG A 43 -2.41 -16.62 -31.51
C ARG A 43 -2.77 -15.14 -31.44
N VAL A 44 -2.27 -14.46 -30.42
CA VAL A 44 -2.40 -13.00 -30.36
C VAL A 44 -1.46 -12.39 -31.40
N THR A 45 -2.03 -11.56 -32.27
CA THR A 45 -1.24 -10.95 -33.34
C THR A 45 -1.22 -9.41 -33.23
N GLU A 46 -2.07 -8.86 -32.36
CA GLU A 46 -2.32 -7.41 -32.31
C GLU A 46 -1.23 -6.63 -31.57
N PHE A 47 -0.40 -7.38 -30.85
CA PHE A 47 0.76 -6.82 -30.14
C PHE A 47 1.82 -7.93 -29.97
N GLU A 48 3.01 -7.52 -29.54
CA GLU A 48 4.15 -8.42 -29.39
C GLU A 48 3.90 -9.49 -28.32
N VAL A 49 4.08 -10.75 -28.71
CA VAL A 49 3.98 -11.85 -27.75
C VAL A 49 5.11 -12.88 -27.79
N ASP A 50 6.07 -12.70 -28.70
CA ASP A 50 7.15 -13.67 -28.86
C ASP A 50 7.93 -13.97 -27.57
N ASP A 51 8.00 -12.98 -26.67
CA ASP A 51 8.71 -13.11 -25.40
C ASP A 51 7.79 -13.50 -24.21
N LEU A 52 6.52 -13.79 -24.50
CA LEU A 52 5.55 -14.12 -23.45
C LEU A 52 5.36 -15.62 -23.31
N ALA A 53 5.21 -16.09 -22.08
CA ALA A 53 4.96 -17.51 -21.86
C ALA A 53 3.67 -17.99 -22.51
N CYS A 54 2.63 -17.14 -22.45
CA CYS A 54 1.33 -17.43 -23.07
C CYS A 54 1.16 -16.45 -24.24
N GLN A 55 1.00 -17.01 -25.45
CA GLN A 55 0.91 -16.22 -26.69
C GLN A 55 -0.48 -16.29 -27.32
N ILE A 56 -1.45 -16.83 -26.59
CA ILE A 56 -2.77 -17.09 -27.17
C ILE A 56 -3.87 -16.44 -26.36
N ALA A 57 -5.00 -16.19 -27.00
CA ALA A 57 -6.17 -15.64 -26.32
C ALA A 57 -7.41 -15.90 -27.16
N CYS A 58 -8.57 -15.78 -26.52
CA CYS A 58 -9.83 -15.91 -27.23
C CYS A 58 -10.31 -14.50 -27.55
N ARG A 59 -10.25 -14.15 -28.84
CA ARG A 59 -10.48 -12.77 -29.28
C ARG A 59 -11.77 -12.56 -30.10
N ILE A 60 -12.45 -11.44 -29.85
CA ILE A 60 -13.63 -11.05 -30.63
C ILE A 60 -13.25 -10.82 -32.09
N PRO A 61 -14.01 -11.41 -33.04
CA PRO A 61 -13.75 -11.23 -34.47
C PRO A 61 -14.28 -9.86 -34.90
N VAL A 62 -13.37 -8.97 -35.27
CA VAL A 62 -13.71 -7.59 -35.60
C VAL A 62 -13.99 -7.52 -37.11
N GLY A 63 -15.01 -6.79 -37.51
CA GLY A 63 -15.23 -6.55 -38.94
C GLY A 63 -16.29 -5.49 -39.17
N ASP A 64 -17.02 -5.66 -40.28
CA ASP A 64 -18.02 -4.66 -40.65
C ASP A 64 -19.39 -4.87 -40.00
N GLY A 65 -19.53 -5.95 -39.25
CA GLY A 65 -20.77 -6.21 -38.54
C GLY A 65 -21.54 -7.39 -39.12
N THR A 66 -21.13 -7.83 -40.31
CA THR A 66 -21.79 -8.96 -40.97
C THR A 66 -21.04 -10.23 -40.57
N ASN A 67 -21.67 -11.38 -40.80
CA ASN A 67 -21.05 -12.70 -40.58
C ASN A 67 -20.63 -12.86 -39.13
N GLY A 68 -21.36 -12.23 -38.22
CA GLY A 68 -21.08 -12.36 -36.79
C GLY A 68 -19.90 -11.56 -36.27
N THR A 69 -19.34 -10.69 -37.11
CA THR A 69 -18.24 -9.83 -36.68
C THR A 69 -18.73 -8.68 -35.82
N PHE A 70 -17.82 -8.13 -35.03
CA PHE A 70 -18.08 -6.98 -34.19
C PHE A 70 -17.61 -5.73 -34.91
N ASN A 71 -18.55 -4.83 -35.15
CA ASN A 71 -18.23 -3.48 -35.65
C ASN A 71 -18.54 -2.49 -34.52
N PRO A 72 -17.51 -2.06 -33.78
CA PRO A 72 -17.73 -1.09 -32.71
C PRO A 72 -18.39 0.21 -33.19
N ASP A 73 -18.15 0.60 -34.45
CA ASP A 73 -18.80 1.81 -35.02
C ASP A 73 -20.32 1.81 -34.97
N LEU A 74 -20.93 0.61 -34.93
CA LEU A 74 -22.36 0.50 -34.84
C LEU A 74 -22.90 0.91 -33.45
N HIS A 75 -21.99 0.99 -32.47
CA HIS A 75 -22.36 1.28 -31.08
C HIS A 75 -21.79 2.57 -30.50
N MET A 76 -20.64 2.99 -31.02
CA MET A 76 -19.96 4.19 -30.54
CA MET A 76 -19.97 4.21 -30.55
C MET A 76 -19.17 4.80 -31.70
N ASP A 77 -19.27 6.13 -31.87
CA ASP A 77 -18.49 6.79 -32.93
C ASP A 77 -17.00 6.54 -32.71
N PRO A 78 -16.22 6.44 -33.80
CA PRO A 78 -14.80 6.10 -33.58
C PRO A 78 -14.05 7.13 -32.71
N LYS A 79 -14.42 8.41 -32.80
CA LYS A 79 -13.85 9.46 -31.95
C LYS A 79 -14.12 9.17 -30.46
N GLU A 80 -15.30 8.60 -30.18
CA GLU A 80 -15.67 8.22 -28.80
C GLU A 80 -14.99 6.94 -28.35
N GLN A 81 -14.77 6.01 -29.28
CA GLN A 81 -14.02 4.79 -28.97
C GLN A 81 -12.59 5.08 -28.54
N ARG A 82 -11.96 6.11 -29.15
CA ARG A 82 -10.58 6.47 -28.80
C ARG A 82 -10.41 7.04 -27.39
N LYS A 83 -11.52 7.46 -26.77
CA LYS A 83 -11.53 8.03 -25.42
C LYS A 83 -11.68 7.02 -24.27
N VAL A 84 -11.91 5.75 -24.61
CA VAL A 84 -12.17 4.73 -23.61
C VAL A 84 -11.38 3.46 -23.84
N ASP A 85 -11.19 2.67 -22.79
CA ASP A 85 -10.61 1.34 -22.99
C ASP A 85 -11.68 0.41 -23.57
N PRO A 86 -11.25 -0.69 -24.22
CA PRO A 86 -12.20 -1.52 -24.93
C PRO A 86 -13.35 -2.09 -24.11
N PHE A 87 -13.16 -2.36 -22.81
CA PHE A 87 -14.21 -2.92 -21.99
C PHE A 87 -15.49 -2.06 -22.02
N ILE A 88 -15.34 -0.74 -22.14
CA ILE A 88 -16.51 0.14 -22.22
C ILE A 88 -17.26 -0.08 -23.55
N VAL A 89 -16.53 -0.14 -24.66
CA VAL A 89 -17.13 -0.38 -25.98
C VAL A 89 -17.87 -1.72 -26.01
N TYR A 90 -17.28 -2.77 -25.46
CA TYR A 90 -17.93 -4.09 -25.43
C TYR A 90 -19.24 -4.05 -24.64
N ALA A 91 -19.24 -3.35 -23.51
CA ALA A 91 -20.46 -3.22 -22.69
C ALA A 91 -21.59 -2.49 -23.40
N VAL A 92 -21.25 -1.40 -24.14
CA VAL A 92 -22.25 -0.64 -24.88
C VAL A 92 -22.81 -1.54 -26.01
N GLY A 93 -21.93 -2.26 -26.69
CA GLY A 93 -22.38 -3.21 -27.72
C GLY A 93 -23.35 -4.23 -27.18
N ALA A 94 -22.96 -4.89 -26.10
CA ALA A 94 -23.82 -5.94 -25.55
C ALA A 94 -25.12 -5.36 -24.96
N ALA A 95 -25.03 -4.18 -24.36
CA ALA A 95 -26.21 -3.52 -23.78
C ALA A 95 -27.19 -3.12 -24.88
N ASP A 96 -26.67 -2.52 -25.96
CA ASP A 96 -27.50 -2.20 -27.13
C ASP A 96 -28.30 -3.43 -27.61
N GLN A 97 -27.62 -4.56 -27.72
CA GLN A 97 -28.25 -5.79 -28.19
C GLN A 97 -29.36 -6.20 -27.23
N ALA A 98 -29.08 -6.17 -25.93
CA ALA A 98 -29.99 -6.66 -24.91
C ALA A 98 -31.22 -5.79 -24.84
N LEU A 99 -31.05 -4.47 -24.87
CA LEU A 99 -32.20 -3.58 -24.87
C LEU A 99 -33.06 -3.74 -26.14
N ASP A 100 -32.42 -3.99 -27.28
CA ASP A 100 -33.16 -4.25 -28.53
C ASP A 100 -33.97 -5.54 -28.39
N ASP A 101 -33.33 -6.55 -27.82
CA ASP A 101 -33.95 -7.87 -27.65
C ASP A 101 -35.17 -7.77 -26.72
N ALA A 102 -35.03 -6.97 -25.65
CA ALA A 102 -36.10 -6.72 -24.68
C ALA A 102 -37.18 -5.76 -25.17
N GLY A 103 -36.95 -5.07 -26.29
CA GLY A 103 -37.90 -4.04 -26.76
C GLY A 103 -38.06 -2.95 -25.71
N TRP A 104 -36.94 -2.58 -25.08
CA TRP A 104 -36.98 -1.63 -23.98
C TRP A 104 -36.05 -0.44 -24.19
N HIS A 105 -36.65 0.70 -24.51
CA HIS A 105 -35.95 1.95 -24.75
C HIS A 105 -36.74 3.06 -24.07
N PRO A 106 -36.45 3.28 -22.78
CA PRO A 106 -37.21 4.18 -21.92
C PRO A 106 -37.31 5.57 -22.52
N GLU A 107 -38.53 6.03 -22.73
CA GLU A 107 -38.75 7.35 -23.29
C GLU A 107 -39.46 8.31 -22.33
N ASN A 108 -40.40 7.80 -21.54
CA ASN A 108 -41.09 8.67 -20.59
C ASN A 108 -40.34 8.67 -19.25
N ASP A 109 -40.71 9.57 -18.36
CA ASP A 109 -39.96 9.75 -17.10
C ASP A 109 -39.97 8.47 -16.23
N GLU A 110 -41.16 7.89 -16.06
CA GLU A 110 -41.35 6.70 -15.22
C GLU A 110 -40.47 5.56 -15.71
N ASP A 111 -40.48 5.28 -17.02
CA ASP A 111 -39.68 4.19 -17.54
C ASP A 111 -38.16 4.41 -17.37
N GLN A 112 -37.75 5.67 -17.53
CA GLN A 112 -36.34 6.02 -17.34
C GLN A 112 -35.88 5.88 -15.87
N VAL A 113 -36.67 6.42 -14.95
CA VAL A 113 -36.23 6.43 -13.55
C VAL A 113 -36.36 5.04 -12.91
N ARG A 114 -37.11 4.13 -13.53
CA ARG A 114 -37.28 2.75 -13.00
C ARG A 114 -36.38 1.71 -13.64
N THR A 115 -35.52 2.18 -14.55
CA THR A 115 -34.56 1.31 -15.22
C THR A 115 -33.14 1.74 -14.88
N GLY A 116 -32.37 0.81 -14.33
CA GLY A 116 -30.96 1.11 -14.00
C GLY A 116 -30.00 0.20 -14.73
N VAL A 117 -28.73 0.28 -14.32
CA VAL A 117 -27.65 -0.48 -14.94
CA VAL A 117 -27.61 -0.42 -14.97
C VAL A 117 -26.63 -0.88 -13.90
N LEU A 118 -26.17 -2.12 -14.00
CA LEU A 118 -25.18 -2.61 -13.07
C LEU A 118 -24.29 -3.56 -13.88
N ILE A 119 -23.14 -3.02 -14.33
CA ILE A 119 -22.22 -3.77 -15.17
C ILE A 119 -20.89 -3.75 -14.47
N GLY A 120 -20.33 -4.95 -14.26
CA GLY A 120 -19.04 -5.00 -13.54
C GLY A 120 -17.89 -5.29 -14.49
N SER A 121 -16.66 -5.13 -13.99
CA SER A 121 -15.47 -5.61 -14.71
C SER A 121 -14.50 -6.06 -13.64
N GLY A 122 -13.62 -7.01 -13.97
CA GLY A 122 -12.62 -7.50 -12.99
C GLY A 122 -11.38 -6.61 -12.91
N ILE A 123 -10.85 -6.24 -14.08
CA ILE A 123 -9.63 -5.43 -14.13
C ILE A 123 -9.76 -4.07 -14.80
N GLY A 124 -10.84 -3.84 -15.57
CA GLY A 124 -11.11 -2.53 -16.14
C GLY A 124 -10.04 -2.07 -17.13
N GLY A 125 -9.57 -0.83 -16.98
CA GLY A 125 -8.65 -0.22 -17.96
C GLY A 125 -7.15 -0.40 -17.73
N ILE A 126 -6.73 -1.60 -17.31
CA ILE A 126 -5.30 -1.85 -17.06
C ILE A 126 -4.41 -1.44 -18.25
N GLU A 127 -4.87 -1.70 -19.46
CA GLU A 127 -4.09 -1.46 -20.66
C GLU A 127 -3.86 0.04 -20.87
N GLY A 128 -4.96 0.80 -20.82
CA GLY A 128 -4.89 2.25 -20.98
C GLY A 128 -4.15 2.91 -19.82
N ILE A 129 -4.21 2.32 -18.62
CA ILE A 129 -3.42 2.86 -17.49
C ILE A 129 -1.93 2.75 -17.79
N VAL A 130 -1.49 1.59 -18.28
CA VAL A 130 -0.09 1.42 -18.66
C VAL A 130 0.30 2.41 -19.78
N GLU A 131 -0.56 2.57 -20.77
CA GLU A 131 -0.27 3.52 -21.87
C GLU A 131 -0.14 4.94 -21.37
N ALA A 132 -1.06 5.35 -20.48
CA ALA A 132 -0.95 6.69 -19.88
C ALA A 132 0.30 6.83 -18.99
N GLY A 133 0.69 5.73 -18.31
CA GLY A 133 1.93 5.71 -17.55
C GLY A 133 3.13 6.03 -18.44
N TYR A 134 3.16 5.44 -19.64
CA TYR A 134 4.25 5.74 -20.58
C TYR A 134 4.19 7.20 -21.03
N THR A 135 3.01 7.71 -21.37
CA THR A 135 2.88 9.12 -21.78
C THR A 135 3.39 10.04 -20.66
N LEU A 136 2.97 9.75 -19.43
CA LEU A 136 3.39 10.53 -18.27
C LEU A 136 4.93 10.59 -18.14
N ARG A 137 5.59 9.43 -18.22
CA ARG A 137 7.04 9.38 -18.07
CA ARG A 137 7.04 9.37 -18.07
C ARG A 137 7.77 9.94 -19.28
N ASP A 138 7.26 9.68 -20.48
CA ASP A 138 7.96 10.05 -21.74
C ASP A 138 7.72 11.46 -22.24
N LYS A 139 6.50 11.96 -22.06
CA LYS A 139 6.03 13.19 -22.71
C LYS A 139 5.57 14.21 -21.68
N GLY A 140 5.21 13.71 -20.49
CA GLY A 140 4.91 14.58 -19.38
C GLY A 140 3.42 14.75 -19.12
N PRO A 141 3.10 15.33 -17.96
CA PRO A 141 1.71 15.44 -17.52
C PRO A 141 0.76 16.25 -18.41
N ARG A 142 1.27 17.22 -19.18
CA ARG A 142 0.38 18.01 -20.05
C ARG A 142 -0.07 17.23 -21.29
N ARG A 143 0.51 16.05 -21.49
CA ARG A 143 0.10 15.19 -22.59
C ARG A 143 -0.92 14.12 -22.17
N ILE A 144 -1.26 14.07 -20.88
CA ILE A 144 -2.29 13.14 -20.38
C ILE A 144 -3.65 13.66 -20.89
N SER A 145 -4.40 12.76 -21.54
CA SER A 145 -5.72 13.09 -22.09
C SER A 145 -6.71 13.46 -20.98
N PRO A 146 -7.53 14.49 -21.21
CA PRO A 146 -8.61 14.74 -20.26
C PRO A 146 -9.51 13.51 -20.06
N PHE A 147 -9.52 12.60 -21.04
CA PHE A 147 -10.34 11.39 -20.93
C PHE A 147 -9.66 10.22 -20.23
N PHE A 148 -8.41 10.39 -19.80
CA PHE A 148 -7.67 9.28 -19.15
C PHE A 148 -8.44 8.65 -18.01
N ILE A 149 -8.78 9.45 -17.00
CA ILE A 149 -9.53 8.90 -15.86
C ILE A 149 -10.88 8.30 -16.24
N PRO A 150 -11.81 9.08 -16.82
CA PRO A 150 -13.14 8.45 -17.03
C PRO A 150 -13.13 7.25 -17.96
N GLY A 151 -12.20 7.21 -18.92
CA GLY A 151 -12.18 6.10 -19.86
C GLY A 151 -11.60 4.81 -19.31
N ARG A 152 -11.09 4.87 -18.08
CA ARG A 152 -10.42 3.74 -17.42
C ARG A 152 -11.12 3.29 -16.13
N LEU A 153 -12.07 4.07 -15.62
CA LEU A 153 -12.86 3.71 -14.41
C LEU A 153 -13.83 2.57 -14.70
N ILE A 154 -13.85 1.54 -13.83
CA ILE A 154 -14.71 0.40 -14.08
C ILE A 154 -16.20 0.79 -14.24
N ASN A 155 -16.69 1.69 -13.39
CA ASN A 155 -18.12 2.08 -13.38
C ASN A 155 -18.54 2.92 -14.58
N LEU A 156 -17.58 3.29 -15.44
CA LEU A 156 -17.98 4.09 -16.61
C LEU A 156 -18.57 3.22 -17.75
N ALA A 157 -18.47 1.90 -17.62
CA ALA A 157 -19.26 1.03 -18.50
C ALA A 157 -20.75 1.25 -18.20
N SER A 158 -21.13 1.12 -16.92
CA SER A 158 -22.49 1.49 -16.47
C SER A 158 -22.82 2.92 -16.90
N GLY A 159 -21.86 3.83 -16.69
CA GLY A 159 -22.06 5.24 -17.05
C GLY A 159 -22.43 5.47 -18.51
N HIS A 160 -21.65 4.87 -19.42
CA HIS A 160 -21.87 5.06 -20.85
C HIS A 160 -23.21 4.48 -21.28
N VAL A 161 -23.52 3.29 -20.77
CA VAL A 161 -24.78 2.63 -21.08
C VAL A 161 -25.96 3.47 -20.57
N SER A 162 -25.87 3.96 -19.33
CA SER A 162 -26.90 4.83 -18.74
C SER A 162 -27.17 6.08 -19.58
N ILE A 163 -26.09 6.76 -19.97
CA ILE A 163 -26.17 8.01 -20.74
C ILE A 163 -26.78 7.73 -22.10
N LYS A 164 -26.30 6.68 -22.75
CA LYS A 164 -26.80 6.36 -24.09
C LYS A 164 -28.30 6.06 -24.09
N HIS A 165 -28.76 5.31 -23.11
CA HIS A 165 -30.14 4.85 -23.11
C HIS A 165 -31.08 5.54 -22.14
N LYS A 166 -30.61 6.62 -21.51
CA LYS A 166 -31.41 7.43 -20.55
C LYS A 166 -31.89 6.60 -19.37
N LEU A 167 -30.99 5.80 -18.82
CA LEU A 167 -31.34 4.93 -17.71
C LEU A 167 -31.00 5.66 -16.42
N ARG A 168 -32.03 6.05 -15.70
CA ARG A 168 -31.93 6.96 -14.55
C ARG A 168 -32.17 6.25 -13.22
N GLY A 169 -32.43 4.96 -13.27
CA GLY A 169 -32.49 4.19 -12.03
C GLY A 169 -31.09 3.93 -11.46
N PRO A 170 -31.00 3.05 -10.46
CA PRO A 170 -29.72 2.72 -9.81
C PRO A 170 -28.60 2.49 -10.85
N ASN A 171 -27.51 3.22 -10.68
CA ASN A 171 -26.33 3.13 -11.55
C ASN A 171 -25.22 2.59 -10.65
N HIS A 172 -24.80 1.36 -10.92
CA HIS A 172 -23.97 0.64 -9.94
C HIS A 172 -22.95 -0.23 -10.69
N SER A 173 -21.94 -0.72 -9.97
CA SER A 173 -20.92 -1.55 -10.59
C SER A 173 -20.18 -2.37 -9.52
N VAL A 174 -19.84 -3.60 -9.87
CA VAL A 174 -19.16 -4.49 -8.93
C VAL A 174 -17.83 -4.97 -9.53
N VAL A 175 -16.94 -5.46 -8.68
CA VAL A 175 -15.64 -5.90 -9.14
C VAL A 175 -15.19 -7.04 -8.21
N THR A 176 -15.32 -8.27 -8.69
CA THR A 176 -15.01 -9.44 -7.89
C THR A 176 -14.23 -10.45 -8.74
N ALA A 177 -13.25 -9.96 -9.51
CA ALA A 177 -12.41 -10.87 -10.32
C ALA A 177 -13.29 -11.83 -11.14
N CYS A 178 -13.02 -13.14 -11.13
CA CYS A 178 -13.76 -14.11 -11.97
C CYS A 178 -15.22 -14.25 -11.62
N ALA A 179 -15.63 -13.69 -10.48
CA ALA A 179 -17.01 -13.80 -10.03
C ALA A 179 -17.87 -12.62 -10.46
N THR A 180 -17.21 -11.58 -10.97
CA THR A 180 -17.87 -10.29 -11.28
C THR A 180 -19.24 -10.43 -11.95
N GLY A 181 -19.29 -11.15 -13.08
CA GLY A 181 -20.50 -11.15 -13.91
C GLY A 181 -21.68 -11.80 -13.19
N THR A 182 -21.35 -12.76 -12.32
CA THR A 182 -22.34 -13.47 -11.54
C THR A 182 -22.87 -12.60 -10.40
N HIS A 183 -21.97 -11.97 -9.63
CA HIS A 183 -22.42 -10.96 -8.66
C HIS A 183 -23.24 -9.85 -9.31
N ALA A 184 -22.80 -9.35 -10.47
CA ALA A 184 -23.51 -8.24 -11.10
C ALA A 184 -24.97 -8.63 -11.34
N ILE A 185 -25.18 -9.82 -11.91
CA ILE A 185 -26.54 -10.27 -12.20
C ILE A 185 -27.39 -10.53 -10.92
N GLY A 186 -26.83 -11.25 -9.95
CA GLY A 186 -27.50 -11.46 -8.66
C GLY A 186 -27.87 -10.14 -7.99
N ASP A 187 -26.92 -9.23 -7.97
CA ASP A 187 -27.14 -7.93 -7.31
C ASP A 187 -28.23 -7.11 -8.03
N ALA A 188 -28.16 -7.06 -9.36
CA ALA A 188 -29.20 -6.39 -10.14
C ALA A 188 -30.59 -7.03 -9.90
N ALA A 189 -30.65 -8.36 -9.85
CA ALA A 189 -31.93 -9.01 -9.55
C ALA A 189 -32.46 -8.58 -8.17
N ARG A 190 -31.58 -8.47 -7.17
CA ARG A 190 -31.99 -8.05 -5.82
CA ARG A 190 -32.02 -8.05 -5.85
C ARG A 190 -32.51 -6.61 -5.82
N LEU A 191 -31.89 -5.74 -6.64
CA LEU A 191 -32.37 -4.36 -6.78
C LEU A 191 -33.81 -4.36 -7.27
N ILE A 192 -34.11 -5.24 -8.19
CA ILE A 192 -35.50 -5.34 -8.67
C ILE A 192 -36.42 -5.98 -7.62
N ALA A 193 -35.99 -7.10 -7.05
CA ALA A 193 -36.79 -7.81 -6.03
C ALA A 193 -37.15 -6.90 -4.85
N PHE A 194 -36.20 -6.07 -4.43
CA PHE A 194 -36.41 -5.17 -3.30
C PHE A 194 -37.16 -3.87 -3.66
N GLY A 195 -37.44 -3.64 -4.94
CA GLY A 195 -38.23 -2.45 -5.34
C GLY A 195 -37.44 -1.21 -5.74
N ASP A 196 -36.13 -1.32 -5.85
CA ASP A 196 -35.29 -0.15 -6.23
C ASP A 196 -35.33 0.15 -7.72
N ALA A 197 -35.75 -0.82 -8.52
CA ALA A 197 -35.87 -0.66 -9.96
C ALA A 197 -36.88 -1.68 -10.40
N ASP A 198 -37.43 -1.44 -11.59
CA ASP A 198 -38.32 -2.40 -12.24
C ASP A 198 -37.65 -3.10 -13.42
N VAL A 199 -36.60 -2.48 -13.97
CA VAL A 199 -35.81 -3.08 -15.05
C VAL A 199 -34.35 -2.76 -14.80
N MET A 200 -33.47 -3.74 -15.03
CA MET A 200 -32.04 -3.50 -14.89
C MET A 200 -31.30 -4.05 -16.08
N VAL A 201 -30.36 -3.26 -16.59
CA VAL A 201 -29.41 -3.79 -17.57
C VAL A 201 -28.20 -4.29 -16.74
N ALA A 202 -27.85 -5.57 -16.82
CA ALA A 202 -26.86 -6.14 -15.88
C ALA A 202 -25.90 -7.09 -16.53
N GLY A 203 -24.65 -7.07 -16.09
CA GLY A 203 -23.70 -8.08 -16.54
C GLY A 203 -22.26 -7.68 -16.30
N GLY A 204 -21.39 -8.06 -17.23
CA GLY A 204 -19.96 -7.93 -17.03
C GLY A 204 -19.25 -7.76 -18.33
N THR A 205 -18.11 -7.06 -18.27
CA THR A 205 -17.33 -6.71 -19.45
C THR A 205 -15.84 -6.74 -19.10
N GLU A 206 -15.01 -7.10 -20.06
CA GLU A 206 -13.58 -7.20 -19.80
C GLU A 206 -12.84 -7.07 -21.13
N SER A 207 -11.73 -6.34 -21.09
CA SER A 207 -10.79 -6.26 -22.20
C SER A 207 -9.39 -6.58 -21.64
N PRO A 208 -9.15 -7.85 -21.27
CA PRO A 208 -7.90 -8.20 -20.62
C PRO A 208 -6.83 -8.72 -21.57
N VAL A 209 -7.06 -8.66 -22.88
CA VAL A 209 -6.06 -9.17 -23.79
C VAL A 209 -5.14 -8.02 -24.18
N SER A 210 -4.04 -7.89 -23.44
CA SER A 210 -3.07 -6.83 -23.62
C SER A 210 -1.74 -7.41 -23.16
N ARG A 211 -0.65 -6.76 -23.55
CA ARG A 211 0.66 -7.21 -23.13
C ARG A 211 0.83 -7.28 -21.61
N ILE A 212 0.44 -6.23 -20.91
CA ILE A 212 0.64 -6.17 -19.47
C ILE A 212 -0.20 -7.25 -18.77
N SER A 213 -1.42 -7.45 -19.26
CA SER A 213 -2.30 -8.46 -18.67
C SER A 213 -1.78 -9.88 -18.92
N LEU A 214 -1.40 -10.20 -20.16
CA LEU A 214 -0.85 -11.53 -20.44
CA LEU A 214 -0.88 -11.54 -20.43
C LEU A 214 0.43 -11.77 -19.67
N ALA A 215 1.27 -10.74 -19.55
CA ALA A 215 2.52 -10.84 -18.75
C ALA A 215 2.22 -11.04 -17.25
N GLY A 216 1.23 -10.32 -16.75
CA GLY A 216 0.86 -10.37 -15.34
C GLY A 216 0.28 -11.71 -14.93
N PHE A 217 -0.66 -12.21 -15.73
CA PHE A 217 -1.26 -13.51 -15.47
C PHE A 217 -0.27 -14.67 -15.65
N ALA A 218 0.69 -14.54 -16.59
CA ALA A 218 1.76 -15.54 -16.72
C ALA A 218 2.66 -15.52 -15.49
N ALA A 219 2.90 -14.33 -14.94
CA ALA A 219 3.78 -14.23 -13.77
C ALA A 219 3.22 -14.96 -12.56
N CYS A 220 1.91 -14.98 -12.39
CA CYS A 220 1.34 -15.75 -11.28
C CYS A 220 0.93 -17.18 -11.69
N LYS A 221 1.44 -17.60 -12.84
CA LYS A 221 1.33 -18.98 -13.34
C LYS A 221 -0.11 -19.43 -13.58
N ALA A 222 -0.97 -18.50 -13.99
CA ALA A 222 -2.40 -18.75 -14.17
C ALA A 222 -2.77 -19.27 -15.55
N LEU A 223 -1.90 -19.02 -16.53
CA LEU A 223 -2.25 -19.19 -17.94
C LEU A 223 -1.66 -20.43 -18.59
N SER A 224 -2.38 -20.96 -19.58
CA SER A 224 -1.87 -22.04 -20.43
C SER A 224 -0.61 -21.57 -21.16
N THR A 225 0.43 -22.40 -21.16
CA THR A 225 1.70 -22.05 -21.84
C THR A 225 2.22 -23.12 -22.81
N GLU A 226 1.63 -24.31 -22.81
CA GLU A 226 2.18 -25.46 -23.51
C GLU A 226 1.51 -25.71 -24.86
N ARG A 227 0.51 -24.91 -25.20
CA ARG A 227 -0.24 -25.12 -26.45
C ARG A 227 -0.35 -23.82 -27.28
N ASN A 228 0.72 -23.03 -27.28
CA ASN A 228 0.71 -21.78 -28.04
C ASN A 228 0.56 -21.98 -29.55
N ASP A 229 0.94 -23.18 -30.02
CA ASP A 229 0.89 -23.53 -31.45
C ASP A 229 -0.28 -24.44 -31.79
N ASP A 230 -1.12 -24.70 -30.78
CA ASP A 230 -2.39 -25.42 -31.00
C ASP A 230 -3.44 -24.78 -30.10
N PRO A 231 -3.72 -23.47 -30.33
CA PRO A 231 -4.53 -22.70 -29.36
C PRO A 231 -5.93 -23.24 -29.11
N THR A 232 -6.60 -23.82 -30.12
CA THR A 232 -7.98 -24.31 -29.88
C THR A 232 -8.01 -25.54 -28.94
N ALA A 233 -6.85 -26.18 -28.74
CA ALA A 233 -6.79 -27.32 -27.82
C ALA A 233 -6.38 -26.92 -26.42
N ALA A 234 -6.03 -25.63 -26.21
CA ALA A 234 -5.39 -25.21 -24.97
C ALA A 234 -6.31 -25.25 -23.75
N SER A 235 -7.52 -24.73 -23.93
CA SER A 235 -8.49 -24.64 -22.85
C SER A 235 -9.21 -25.98 -22.82
N ARG A 236 -8.96 -26.75 -21.76
CA ARG A 236 -9.42 -28.14 -21.70
C ARG A 236 -9.87 -28.48 -20.28
N PRO A 237 -10.96 -27.84 -19.80
CA PRO A 237 -11.45 -28.06 -18.43
C PRO A 237 -11.65 -29.55 -18.14
N TYR A 238 -11.21 -29.98 -16.94
CA TYR A 238 -11.30 -31.37 -16.46
C TYR A 238 -10.35 -32.38 -17.08
N ASP A 239 -9.63 -31.95 -18.11
CA ASP A 239 -8.75 -32.88 -18.83
C ASP A 239 -7.45 -33.09 -18.07
N GLU A 240 -6.89 -34.30 -18.17
CA GLU A 240 -5.63 -34.62 -17.52
C GLU A 240 -4.45 -33.68 -17.88
N ASP A 241 -4.46 -33.15 -19.11
CA ASP A 241 -3.34 -32.34 -19.61
C ASP A 241 -3.58 -30.84 -19.61
N ARG A 242 -4.62 -30.39 -18.91
CA ARG A 242 -4.85 -28.96 -18.70
C ARG A 242 -3.63 -28.30 -18.05
N ASP A 243 -3.36 -27.05 -18.43
CA ASP A 243 -2.19 -26.37 -17.91
C ASP A 243 -2.41 -24.89 -17.62
N GLY A 244 -3.65 -24.48 -17.32
CA GLY A 244 -3.92 -23.06 -17.05
C GLY A 244 -4.98 -22.49 -17.98
N PHE A 245 -5.53 -21.33 -17.62
CA PHE A 245 -6.60 -20.74 -18.47
C PHE A 245 -6.13 -19.97 -19.70
N VAL A 246 -7.05 -19.79 -20.64
CA VAL A 246 -6.80 -18.99 -21.83
C VAL A 246 -7.70 -17.79 -21.67
N MET A 247 -7.08 -16.62 -21.61
CA MET A 247 -7.80 -15.36 -21.47
CA MET A 247 -7.84 -15.41 -21.43
C MET A 247 -8.72 -15.10 -22.65
N GLY A 248 -9.92 -14.60 -22.37
CA GLY A 248 -10.85 -14.15 -23.39
C GLY A 248 -11.25 -12.68 -23.16
N GLU A 249 -12.08 -12.13 -24.04
CA GLU A 249 -12.52 -10.74 -23.96
C GLU A 249 -13.96 -10.60 -24.45
N GLY A 250 -14.64 -9.56 -23.96
CA GLY A 250 -15.98 -9.28 -24.40
C GLY A 250 -16.90 -8.88 -23.27
N ALA A 251 -18.20 -9.00 -23.52
CA ALA A 251 -19.19 -8.59 -22.53
C ALA A 251 -20.45 -9.42 -22.66
N GLY A 252 -21.06 -9.76 -21.53
CA GLY A 252 -22.36 -10.41 -21.49
C GLY A 252 -23.34 -9.50 -20.75
N ILE A 253 -24.54 -9.34 -21.30
CA ILE A 253 -25.56 -8.49 -20.68
C ILE A 253 -26.92 -9.19 -20.68
N VAL A 254 -27.64 -9.06 -19.56
CA VAL A 254 -29.03 -9.47 -19.50
C VAL A 254 -29.90 -8.27 -19.15
N VAL A 255 -31.10 -8.23 -19.74
CA VAL A 255 -32.11 -7.32 -19.21
C VAL A 255 -32.94 -8.08 -18.21
N LEU A 256 -32.93 -7.61 -16.97
CA LEU A 256 -33.73 -8.21 -15.91
C LEU A 256 -34.94 -7.34 -15.70
N GLU A 257 -36.08 -7.95 -15.37
CA GLU A 257 -37.32 -7.21 -15.28
C GLU A 257 -38.21 -7.81 -14.20
N GLU A 258 -38.87 -6.95 -13.43
CA GLU A 258 -39.84 -7.44 -12.45
C GLU A 258 -40.94 -8.18 -13.19
N LEU A 259 -41.43 -9.27 -12.60
CA LEU A 259 -42.34 -10.19 -13.31
C LEU A 259 -43.63 -9.52 -13.75
N GLU A 260 -44.30 -8.82 -12.84
CA GLU A 260 -45.56 -8.17 -13.24
C GLU A 260 -45.32 -7.12 -14.35
N HIS A 261 -44.22 -6.39 -14.25
CA HIS A 261 -43.84 -5.39 -15.25
C HIS A 261 -43.71 -6.07 -16.64
N ALA A 262 -43.03 -7.21 -16.68
CA ALA A 262 -42.89 -7.99 -17.91
C ALA A 262 -44.21 -8.50 -18.46
N LEU A 263 -45.04 -9.07 -17.59
CA LEU A 263 -46.32 -9.62 -18.03
C LEU A 263 -47.25 -8.52 -18.53
N ALA A 264 -47.24 -7.38 -17.86
CA ALA A 264 -48.18 -6.32 -18.23
C ALA A 264 -47.91 -5.75 -19.62
N ARG A 265 -46.66 -5.84 -20.08
CA ARG A 265 -46.31 -5.35 -21.42
C ARG A 265 -46.16 -6.49 -22.44
N GLY A 266 -46.27 -7.71 -21.95
CA GLY A 266 -46.19 -8.88 -22.82
C GLY A 266 -44.79 -9.24 -23.27
N ALA A 267 -43.78 -8.79 -22.53
CA ALA A 267 -42.38 -9.09 -22.85
C ALA A 267 -42.10 -10.58 -22.88
N LYS A 268 -41.43 -11.07 -23.90
CA LYS A 268 -41.03 -12.48 -23.93
C LYS A 268 -40.09 -12.77 -22.75
N ILE A 269 -40.25 -13.92 -22.11
CA ILE A 269 -39.45 -14.25 -20.95
C ILE A 269 -38.56 -15.45 -21.23
N TYR A 270 -37.26 -15.28 -21.05
CA TYR A 270 -36.36 -16.39 -21.30
C TYR A 270 -36.31 -17.38 -20.15
N ALA A 271 -36.25 -16.86 -18.94
CA ALA A 271 -36.11 -17.65 -17.71
C ALA A 271 -36.26 -16.71 -16.53
N GLU A 272 -36.34 -17.31 -15.34
CA GLU A 272 -36.50 -16.55 -14.07
C GLU A 272 -35.22 -16.69 -13.25
N VAL A 273 -34.79 -15.60 -12.62
CA VAL A 273 -33.65 -15.68 -11.68
C VAL A 273 -34.27 -16.07 -10.31
N ILE A 274 -33.94 -17.26 -9.80
CA ILE A 274 -34.59 -17.74 -8.56
C ILE A 274 -33.66 -17.86 -7.35
N GLY A 275 -32.35 -17.96 -7.60
CA GLY A 275 -31.40 -18.10 -6.51
C GLY A 275 -30.11 -17.37 -6.77
N TYR A 276 -29.42 -17.02 -5.69
CA TYR A 276 -28.16 -16.29 -5.71
C TYR A 276 -27.48 -16.62 -4.38
N GLY A 277 -26.23 -17.03 -4.44
CA GLY A 277 -25.45 -17.35 -3.26
C GLY A 277 -24.06 -16.80 -3.40
N MET A 278 -23.44 -16.54 -2.26
CA MET A 278 -22.12 -15.91 -2.16
C MET A 278 -21.38 -16.54 -0.97
N SER A 279 -20.07 -16.63 -1.08
CA SER A 279 -19.25 -17.01 0.09
C SER A 279 -17.83 -16.57 -0.13
N GLY A 280 -17.01 -16.71 0.92
CA GLY A 280 -15.60 -16.44 0.87
C GLY A 280 -14.78 -17.63 1.33
N ASP A 281 -13.69 -17.93 0.60
CA ASP A 281 -12.77 -18.99 1.00
C ASP A 281 -11.93 -18.61 2.21
N ALA A 282 -11.56 -17.33 2.33
CA ALA A 282 -10.62 -16.90 3.40
C ALA A 282 -9.35 -17.76 3.47
N PHE A 283 -8.80 -18.10 2.31
CA PHE A 283 -7.67 -19.04 2.29
C PHE A 283 -6.36 -18.42 1.75
N HIS A 284 -6.43 -17.86 0.55
CA HIS A 284 -5.22 -17.47 -0.18
C HIS A 284 -5.59 -16.43 -1.21
N ILE A 285 -4.63 -15.57 -1.55
CA ILE A 285 -4.88 -14.49 -2.50
C ILE A 285 -5.23 -14.97 -3.92
N THR A 286 -4.73 -16.15 -4.34
CA THR A 286 -4.99 -16.64 -5.70
C THR A 286 -5.38 -18.14 -5.74
N ALA A 287 -4.87 -18.92 -4.78
CA ALA A 287 -5.14 -20.35 -4.72
C ALA A 287 -6.52 -20.68 -4.18
N PRO A 288 -7.25 -21.60 -4.85
CA PRO A 288 -8.51 -22.07 -4.32
C PRO A 288 -8.27 -22.92 -3.05
N THR A 289 -9.20 -22.90 -2.10
CA THR A 289 -9.08 -23.78 -0.93
C THR A 289 -9.05 -25.22 -1.40
N GLU A 290 -8.14 -26.01 -0.82
CA GLU A 290 -7.96 -27.42 -1.20
C GLU A 290 -9.21 -28.29 -1.05
N SER A 291 -10.02 -28.02 -0.03
CA SER A 291 -11.22 -28.78 0.24
C SER A 291 -12.45 -28.40 -0.60
N GLY A 292 -12.40 -27.26 -1.31
CA GLY A 292 -13.60 -26.74 -2.01
C GLY A 292 -14.76 -26.34 -1.11
N GLU A 293 -14.51 -26.17 0.20
CA GLU A 293 -15.62 -25.94 1.14
C GLU A 293 -16.37 -24.62 0.91
N GLY A 294 -15.64 -23.60 0.46
CA GLY A 294 -16.22 -22.28 0.16
C GLY A 294 -17.18 -22.36 -1.03
N ALA A 295 -16.73 -23.00 -2.10
CA ALA A 295 -17.57 -23.25 -3.28
C ALA A 295 -18.85 -24.05 -2.92
N GLN A 296 -18.66 -25.06 -2.08
CA GLN A 296 -19.78 -25.86 -1.62
C GLN A 296 -20.78 -24.98 -0.88
N ARG A 297 -20.32 -24.17 0.06
CA ARG A 297 -21.26 -23.30 0.82
C ARG A 297 -21.97 -22.29 -0.09
N CYS A 298 -21.24 -21.79 -1.10
CA CYS A 298 -21.81 -20.86 -2.06
C CYS A 298 -22.98 -21.49 -2.84
N MET A 299 -22.75 -22.69 -3.38
CA MET A 299 -23.78 -23.40 -4.13
C MET A 299 -24.98 -23.72 -3.25
N VAL A 300 -24.70 -24.20 -2.03
CA VAL A 300 -25.75 -24.52 -1.04
C VAL A 300 -26.65 -23.31 -0.73
N ALA A 301 -26.01 -22.15 -0.58
CA ALA A 301 -26.73 -20.91 -0.28
C ALA A 301 -27.62 -20.52 -1.47
N ALA A 302 -27.11 -20.66 -2.70
CA ALA A 302 -27.89 -20.32 -3.89
C ALA A 302 -29.09 -21.24 -4.05
N LEU A 303 -28.89 -22.54 -3.80
CA LEU A 303 -30.00 -23.50 -3.91
C LEU A 303 -31.04 -23.23 -2.80
N LYS A 304 -30.59 -22.87 -1.61
CA LYS A 304 -31.50 -22.57 -0.49
C LYS A 304 -32.32 -21.32 -0.84
N ARG A 305 -31.64 -20.29 -1.36
CA ARG A 305 -32.34 -19.10 -1.82
C ARG A 305 -33.41 -19.45 -2.87
N ALA A 306 -33.05 -20.34 -3.81
CA ALA A 306 -33.93 -20.78 -4.89
C ALA A 306 -35.07 -21.70 -4.42
N GLY A 307 -34.92 -22.30 -3.23
CA GLY A 307 -35.95 -23.19 -2.70
C GLY A 307 -35.98 -24.48 -3.49
N ILE A 308 -34.82 -24.89 -3.98
CA ILE A 308 -34.74 -26.14 -4.72
C ILE A 308 -33.70 -27.11 -4.15
N VAL A 309 -33.85 -28.38 -4.51
CA VAL A 309 -32.98 -29.44 -4.03
C VAL A 309 -32.19 -29.98 -5.22
N PRO A 310 -31.10 -30.73 -4.98
CA PRO A 310 -30.27 -31.15 -6.14
C PRO A 310 -31.01 -31.99 -7.19
N ASP A 311 -32.04 -32.73 -6.77
CA ASP A 311 -32.88 -33.48 -7.69
C ASP A 311 -33.50 -32.61 -8.81
N GLU A 312 -33.57 -31.29 -8.58
CA GLU A 312 -34.20 -30.37 -9.53
C GLU A 312 -33.20 -29.70 -10.47
N ILE A 313 -31.91 -29.87 -10.20
CA ILE A 313 -30.89 -29.32 -11.08
C ILE A 313 -30.74 -30.16 -12.37
N ASP A 314 -30.76 -29.49 -13.52
CA ASP A 314 -30.52 -30.14 -14.82
C ASP A 314 -29.13 -29.86 -15.40
N TYR A 315 -28.77 -28.58 -15.38
CA TYR A 315 -27.53 -28.15 -16.03
C TYR A 315 -26.74 -27.27 -15.08
N ILE A 316 -25.43 -27.50 -15.02
CA ILE A 316 -24.51 -26.65 -14.30
C ILE A 316 -23.51 -26.05 -15.28
N ASN A 317 -23.42 -24.73 -15.32
CA ASN A 317 -22.34 -24.09 -16.06
C ASN A 317 -21.24 -23.81 -15.07
N ALA A 318 -20.21 -24.64 -15.16
CA ALA A 318 -19.06 -24.58 -14.23
C ALA A 318 -18.23 -23.32 -14.31
N HIS A 319 -17.51 -23.02 -13.23
CA HIS A 319 -16.41 -22.07 -13.30
C HIS A 319 -15.33 -22.65 -14.25
N GLY A 320 -14.88 -23.88 -13.95
CA GLY A 320 -14.06 -24.69 -14.90
C GLY A 320 -13.10 -23.95 -15.84
N THR A 321 -12.03 -23.39 -15.26
CA THR A 321 -11.09 -22.52 -16.00
C THR A 321 -9.97 -23.25 -16.73
N SER A 322 -9.88 -24.58 -16.57
CA SER A 322 -8.80 -25.39 -17.17
C SER A 322 -7.52 -25.26 -16.35
N THR A 323 -7.70 -25.24 -15.04
CA THR A 323 -6.59 -25.16 -14.10
C THR A 323 -6.66 -26.40 -13.19
N MET A 324 -5.62 -26.60 -12.37
CA MET A 324 -5.62 -27.73 -11.44
C MET A 324 -6.88 -27.74 -10.58
N ALA A 325 -7.39 -26.55 -10.25
CA ALA A 325 -8.59 -26.42 -9.43
C ALA A 325 -9.89 -26.98 -10.02
N ASP A 326 -9.89 -27.36 -11.31
CA ASP A 326 -11.11 -27.88 -11.93
C ASP A 326 -11.64 -29.05 -11.10
N THR A 327 -10.73 -29.88 -10.60
CA THR A 327 -11.13 -31.10 -9.88
C THR A 327 -11.67 -30.83 -8.47
N ILE A 328 -11.17 -29.76 -7.84
CA ILE A 328 -11.70 -29.31 -6.55
C ILE A 328 -13.16 -28.88 -6.75
N GLU A 329 -13.40 -28.05 -7.78
CA GLU A 329 -14.79 -27.65 -8.11
C GLU A 329 -15.66 -28.89 -8.36
N LEU A 330 -15.15 -29.83 -9.15
CA LEU A 330 -15.90 -31.05 -9.45
C LEU A 330 -16.25 -31.77 -8.13
N GLY A 331 -15.28 -31.88 -7.21
CA GLY A 331 -15.51 -32.53 -5.92
C GLY A 331 -16.59 -31.81 -5.13
N ALA A 332 -16.53 -30.47 -5.10
CA ALA A 332 -17.51 -29.69 -4.34
C ALA A 332 -18.90 -29.86 -4.94
N VAL A 333 -18.99 -29.83 -6.26
CA VAL A 333 -20.27 -30.06 -6.92
C VAL A 333 -20.83 -31.46 -6.56
N GLU A 334 -19.98 -32.49 -6.59
CA GLU A 334 -20.42 -33.85 -6.23
C GLU A 334 -20.98 -33.93 -4.83
N ARG A 335 -20.35 -33.22 -3.89
CA ARG A 335 -20.82 -33.24 -2.51
C ARG A 335 -22.16 -32.52 -2.39
N VAL A 336 -22.32 -31.44 -3.15
CA VAL A 336 -23.58 -30.67 -3.12
C VAL A 336 -24.75 -31.51 -3.67
N VAL A 337 -24.51 -32.20 -4.77
CA VAL A 337 -25.64 -32.80 -5.50
C VAL A 337 -25.94 -34.25 -5.12
N GLY A 338 -25.00 -34.88 -4.40
CA GLY A 338 -25.20 -36.24 -3.90
C GLY A 338 -25.62 -37.21 -4.98
N GLU A 339 -26.67 -37.99 -4.70
CA GLU A 339 -27.11 -39.03 -5.64
C GLU A 339 -27.63 -38.49 -6.99
N ALA A 340 -27.95 -37.20 -7.06
CA ALA A 340 -28.46 -36.61 -8.32
C ALA A 340 -27.36 -36.51 -9.41
N ALA A 341 -26.11 -36.73 -9.00
CA ALA A 341 -24.96 -36.54 -9.90
C ALA A 341 -25.15 -37.18 -11.28
N ALA A 342 -25.60 -38.43 -11.31
CA ALA A 342 -25.67 -39.14 -12.61
C ALA A 342 -26.66 -38.53 -13.61
N LYS A 343 -27.65 -37.78 -13.13
CA LYS A 343 -28.59 -37.17 -14.06
C LYS A 343 -28.35 -35.69 -14.35
N ILE A 344 -27.26 -35.13 -13.84
CA ILE A 344 -26.93 -33.72 -14.06
C ILE A 344 -25.88 -33.61 -15.16
N SER A 345 -26.03 -32.60 -16.04
CA SER A 345 -25.00 -32.26 -17.02
C SER A 345 -24.25 -31.01 -16.52
N MET A 346 -22.93 -31.06 -16.56
CA MET A 346 -22.13 -29.94 -16.12
C MET A 346 -21.05 -29.68 -17.16
N SER A 347 -21.00 -28.47 -17.72
CA SER A 347 -19.94 -28.21 -18.69
C SER A 347 -19.28 -26.87 -18.47
N SER A 348 -18.10 -26.71 -19.05
CA SER A 348 -17.43 -25.44 -18.96
C SER A 348 -17.33 -24.88 -20.36
N THR A 349 -18.00 -23.76 -20.57
CA THR A 349 -17.96 -23.08 -21.87
C THR A 349 -16.66 -22.27 -22.02
N LYS A 350 -15.87 -22.21 -20.95
CA LYS A 350 -14.51 -21.67 -21.10
C LYS A 350 -13.66 -22.56 -22.03
N SER A 351 -14.09 -23.80 -22.24
CA SER A 351 -13.43 -24.65 -23.21
C SER A 351 -13.51 -24.10 -24.63
N SER A 352 -14.51 -23.24 -24.87
CA SER A 352 -14.81 -22.71 -26.19
C SER A 352 -14.38 -21.24 -26.35
N ILE A 353 -14.68 -20.42 -25.35
CA ILE A 353 -14.44 -18.96 -25.42
C ILE A 353 -13.43 -18.43 -24.43
N GLY A 354 -12.81 -19.35 -23.71
CA GLY A 354 -11.80 -19.02 -22.70
C GLY A 354 -12.40 -18.33 -21.49
N HIS A 355 -11.55 -17.71 -20.69
CA HIS A 355 -11.91 -17.11 -19.43
C HIS A 355 -12.06 -15.59 -19.62
N LEU A 356 -13.30 -15.10 -19.64
CA LEU A 356 -13.53 -13.65 -19.84
C LEU A 356 -13.41 -12.85 -18.55
N LEU A 357 -12.86 -13.47 -17.50
CA LEU A 357 -12.57 -12.82 -16.22
C LEU A 357 -13.85 -12.18 -15.67
N GLY A 358 -13.92 -10.85 -15.56
CA GLY A 358 -15.12 -10.21 -14.99
C GLY A 358 -16.36 -10.39 -15.87
N ALA A 359 -16.17 -10.75 -17.15
CA ALA A 359 -17.32 -10.96 -18.04
C ALA A 359 -17.77 -12.42 -18.09
N ALA A 360 -16.95 -13.33 -17.54
CA ALA A 360 -17.18 -14.79 -17.65
C ALA A 360 -18.56 -15.13 -17.10
N GLY A 361 -18.87 -14.63 -15.91
CA GLY A 361 -20.14 -14.96 -15.27
C GLY A 361 -21.34 -14.47 -16.05
N ALA A 362 -21.17 -13.35 -16.74
CA ALA A 362 -22.27 -12.78 -17.50
C ALA A 362 -22.48 -13.55 -18.81
N ALA A 363 -21.39 -13.85 -19.52
CA ALA A 363 -21.51 -14.68 -20.72
C ALA A 363 -22.12 -16.04 -20.34
N GLU A 364 -21.69 -16.61 -19.21
CA GLU A 364 -22.13 -17.95 -18.84
C GLU A 364 -23.57 -17.94 -18.32
N ALA A 365 -24.02 -16.83 -17.74
CA ALA A 365 -25.46 -16.65 -17.44
C ALA A 365 -26.30 -16.64 -18.71
N VAL A 366 -25.82 -15.95 -19.75
CA VAL A 366 -26.51 -15.95 -21.05
C VAL A 366 -26.56 -17.38 -21.59
N PHE A 367 -25.43 -18.08 -21.54
CA PHE A 367 -25.41 -19.47 -22.05
C PHE A 367 -26.32 -20.38 -21.25
N SER A 368 -26.36 -20.18 -19.93
CA SER A 368 -27.23 -20.98 -19.07
C SER A 368 -28.70 -20.73 -19.38
N THR A 369 -29.02 -19.49 -19.72
CA THR A 369 -30.37 -19.09 -20.13
C THR A 369 -30.78 -19.74 -21.45
N LEU A 370 -29.86 -19.74 -22.41
CA LEU A 370 -30.13 -20.37 -23.70
C LEU A 370 -30.22 -21.89 -23.57
N ALA A 371 -29.46 -22.47 -22.63
CA ALA A 371 -29.54 -23.92 -22.39
C ALA A 371 -30.96 -24.31 -21.98
N ILE A 372 -31.59 -23.48 -21.15
CA ILE A 372 -32.98 -23.69 -20.76
C ILE A 372 -33.90 -23.51 -21.96
N ARG A 373 -33.70 -22.41 -22.69
CA ARG A 373 -34.59 -22.13 -23.82
C ARG A 373 -34.59 -23.26 -24.83
N ASP A 374 -33.39 -23.76 -25.13
CA ASP A 374 -33.23 -24.70 -26.23
C ASP A 374 -33.09 -26.15 -25.83
N ASN A 375 -33.15 -26.41 -24.51
CA ASN A 375 -32.95 -27.76 -23.98
C ASN A 375 -31.71 -28.44 -24.53
N ILE A 376 -30.57 -27.78 -24.36
CA ILE A 376 -29.30 -28.30 -24.84
C ILE A 376 -28.19 -27.82 -23.93
N ALA A 377 -27.34 -28.76 -23.52
CA ALA A 377 -26.19 -28.45 -22.69
C ALA A 377 -24.98 -28.26 -23.60
N PRO A 378 -24.35 -27.07 -23.55
CA PRO A 378 -23.10 -26.86 -24.31
C PRO A 378 -22.02 -27.87 -23.93
N ALA A 379 -21.10 -28.14 -24.86
CA ALA A 379 -20.03 -29.11 -24.61
C ALA A 379 -18.90 -28.57 -23.75
N THR A 380 -18.16 -29.49 -23.12
CA THR A 380 -16.81 -29.19 -22.70
C THR A 380 -15.88 -29.70 -23.82
N LEU A 381 -15.35 -28.76 -24.61
CA LEU A 381 -14.41 -29.12 -25.67
C LEU A 381 -13.15 -29.65 -25.04
N ASN A 382 -12.47 -30.50 -25.80
CA ASN A 382 -11.09 -30.95 -25.52
C ASN A 382 -10.94 -31.94 -24.39
N LEU A 383 -12.07 -32.49 -23.94
CA LEU A 383 -12.08 -33.39 -22.79
C LEU A 383 -11.76 -34.81 -23.25
N ASP A 384 -10.50 -34.98 -23.64
CA ASP A 384 -10.00 -36.21 -24.25
C ASP A 384 -9.76 -37.29 -23.20
N ASN A 385 -9.23 -36.89 -22.05
CA ASN A 385 -8.85 -37.82 -20.98
C ASN A 385 -9.16 -37.21 -19.62
N PRO A 386 -10.40 -37.37 -19.14
CA PRO A 386 -10.79 -36.75 -17.85
C PRO A 386 -9.85 -37.10 -16.71
N ALA A 387 -9.54 -36.09 -15.88
CA ALA A 387 -8.56 -36.22 -14.82
C ALA A 387 -9.13 -37.01 -13.67
N ALA A 388 -10.45 -36.95 -13.50
CA ALA A 388 -11.12 -37.64 -12.42
C ALA A 388 -12.28 -38.49 -12.95
N GLN A 389 -12.68 -39.51 -12.18
CA GLN A 389 -13.84 -40.30 -12.56
C GLN A 389 -15.01 -39.70 -11.81
N THR A 390 -16.12 -39.52 -12.50
CA THR A 390 -17.29 -38.88 -11.94
C THR A 390 -18.56 -39.43 -12.62
N ARG A 391 -19.67 -39.42 -11.88
CA ARG A 391 -20.94 -39.75 -12.45
C ARG A 391 -21.59 -38.59 -13.18
N ILE A 392 -21.16 -37.37 -12.89
CA ILE A 392 -21.68 -36.20 -13.60
C ILE A 392 -21.36 -36.29 -15.10
N ASP A 393 -22.34 -35.94 -15.93
CA ASP A 393 -22.11 -35.85 -17.37
C ASP A 393 -21.38 -34.53 -17.68
N LEU A 394 -20.11 -34.62 -18.11
CA LEU A 394 -19.30 -33.42 -18.35
C LEU A 394 -19.43 -32.93 -19.81
N VAL A 395 -20.34 -33.58 -20.54
CA VAL A 395 -20.73 -33.16 -21.91
C VAL A 395 -19.49 -33.05 -22.81
N PRO A 396 -18.62 -34.08 -22.79
CA PRO A 396 -17.38 -33.93 -23.55
C PRO A 396 -17.63 -33.82 -25.07
N HIS A 397 -16.89 -32.89 -25.69
CA HIS A 397 -16.74 -32.73 -27.16
C HIS A 397 -17.90 -32.14 -27.95
N LYS A 398 -19.12 -32.56 -27.62
CA LYS A 398 -20.32 -32.15 -28.39
C LYS A 398 -21.47 -31.92 -27.45
N PRO A 399 -22.33 -30.93 -27.75
CA PRO A 399 -23.45 -30.62 -26.86
C PRO A 399 -24.45 -31.77 -26.73
N ARG A 400 -25.14 -31.81 -25.59
CA ARG A 400 -26.16 -32.84 -25.38
CA ARG A 400 -26.15 -32.84 -25.34
C ARG A 400 -27.55 -32.23 -25.30
N GLU A 401 -28.43 -32.71 -26.18
CA GLU A 401 -29.83 -32.31 -26.11
C GLU A 401 -30.48 -33.08 -24.97
N ARG A 402 -31.14 -32.36 -24.08
CA ARG A 402 -31.75 -32.97 -22.89
C ARG A 402 -32.71 -31.98 -22.27
N LYS A 403 -33.63 -32.45 -21.43
CA LYS A 403 -34.47 -31.53 -20.68
C LYS A 403 -33.60 -30.64 -19.77
N ILE A 404 -33.74 -29.33 -19.90
CA ILE A 404 -33.11 -28.38 -18.95
C ILE A 404 -34.14 -27.35 -18.52
N ASP A 405 -34.60 -27.45 -17.26
CA ASP A 405 -35.53 -26.46 -16.68
C ASP A 405 -34.84 -25.60 -15.63
N VAL A 406 -33.77 -26.14 -15.02
CA VAL A 406 -33.03 -25.46 -13.95
C VAL A 406 -31.54 -25.47 -14.25
N ALA A 407 -30.94 -24.28 -14.27
CA ALA A 407 -29.48 -24.15 -14.47
C ALA A 407 -28.84 -23.45 -13.28
N LEU A 408 -27.67 -23.96 -12.93
CA LEU A 408 -26.85 -23.38 -11.87
C LEU A 408 -25.58 -22.91 -12.54
N SER A 409 -25.17 -21.68 -12.25
CA SER A 409 -23.91 -21.13 -12.81
C SER A 409 -22.99 -20.67 -11.68
N ASN A 410 -21.76 -21.21 -11.67
CA ASN A 410 -20.78 -20.93 -10.64
C ASN A 410 -19.61 -20.04 -11.10
N SER A 411 -19.13 -19.19 -10.20
CA SER A 411 -17.94 -18.37 -10.46
C SER A 411 -17.18 -18.23 -9.17
N PHE A 412 -15.90 -18.60 -9.22
CA PHE A 412 -15.03 -18.62 -8.04
C PHE A 412 -13.76 -17.86 -8.36
N GLY A 413 -13.68 -16.60 -7.91
CA GLY A 413 -12.57 -15.70 -8.27
C GLY A 413 -11.38 -15.51 -7.36
N PHE A 414 -10.29 -14.94 -7.90
CA PHE A 414 -9.14 -14.53 -7.10
C PHE A 414 -9.57 -13.79 -5.83
N GLY A 415 -8.87 -14.02 -4.72
CA GLY A 415 -9.20 -13.42 -3.44
C GLY A 415 -10.18 -14.30 -2.65
N GLY A 416 -10.60 -15.42 -3.24
CA GLY A 416 -11.55 -16.33 -2.58
C GLY A 416 -12.99 -15.89 -2.67
N THR A 417 -13.33 -15.14 -3.71
CA THR A 417 -14.70 -14.59 -3.83
C THR A 417 -15.58 -15.51 -4.69
N ASN A 418 -16.61 -16.10 -4.08
CA ASN A 418 -17.47 -17.04 -4.75
C ASN A 418 -18.87 -16.51 -4.93
N ALA A 419 -19.45 -16.75 -6.11
CA ALA A 419 -20.88 -16.45 -6.39
C ALA A 419 -21.51 -17.52 -7.27
N SER A 420 -22.79 -17.80 -7.01
CA SER A 420 -23.56 -18.75 -7.82
C SER A 420 -24.93 -18.16 -8.15
N LEU A 421 -25.44 -18.47 -9.34
CA LEU A 421 -26.78 -18.05 -9.73
C LEU A 421 -27.61 -19.28 -10.07
N VAL A 422 -28.89 -19.25 -9.72
CA VAL A 422 -29.81 -20.33 -10.12
C VAL A 422 -30.89 -19.74 -11.01
N LEU A 423 -31.04 -20.33 -12.17
CA LEU A 423 -32.04 -19.89 -13.14
C LEU A 423 -33.03 -21.03 -13.36
N ARG A 424 -34.28 -20.65 -13.62
CA ARG A 424 -35.33 -21.64 -13.91
C ARG A 424 -36.29 -21.16 -14.99
N ARG A 425 -36.76 -22.10 -15.81
CA ARG A 425 -37.81 -21.88 -16.78
C ARG A 425 -38.97 -21.16 -16.11
N TYR A 426 -39.55 -20.19 -16.80
CA TYR A 426 -40.72 -19.52 -16.26
C TYR A 426 -41.97 -20.26 -16.77
N THR A 427 -42.85 -20.65 -15.87
CA THR A 427 -44.09 -21.32 -16.26
C THR A 427 -45.30 -20.48 -15.86
N ALA A 428 -45.35 -20.13 -14.57
CA ALA A 428 -46.34 -19.17 -14.07
C ALA A 428 -45.80 -18.61 -12.75
N MET B 9 -37.45 -8.93 6.73
CA MET B 9 -36.17 -8.17 6.70
C MET B 9 -35.65 -7.89 8.11
N ARG B 10 -34.37 -8.14 8.33
CA ARG B 10 -33.81 -7.98 9.67
C ARG B 10 -33.22 -6.60 9.76
N ARG B 11 -33.17 -6.07 10.98
CA ARG B 11 -32.56 -4.76 11.23
C ARG B 11 -31.06 -4.88 11.34
N VAL B 12 -30.37 -3.79 11.02
CA VAL B 12 -28.93 -3.76 10.88
C VAL B 12 -28.35 -2.58 11.64
N VAL B 13 -27.40 -2.87 12.53
CA VAL B 13 -26.79 -1.83 13.36
C VAL B 13 -25.27 -1.78 13.12
N ILE B 14 -24.68 -0.64 13.47
CA ILE B 14 -23.23 -0.43 13.36
C ILE B 14 -22.63 -0.69 14.75
N THR B 15 -21.71 -1.66 14.82
CA THR B 15 -21.20 -2.12 16.11
C THR B 15 -19.69 -1.93 16.22
N GLY B 16 -19.06 -1.42 15.16
CA GLY B 16 -17.61 -1.16 15.21
C GLY B 16 -17.23 -0.15 14.12
N LEU B 17 -16.20 0.64 14.38
CA LEU B 17 -15.72 1.65 13.43
C LEU B 17 -14.21 1.55 13.29
N GLY B 18 -13.74 1.82 12.09
CA GLY B 18 -12.28 1.90 11.87
C GLY B 18 -12.03 2.98 10.84
N LEU B 19 -10.90 3.66 10.96
CA LEU B 19 -10.62 4.77 10.06
C LEU B 19 -9.12 5.04 9.97
N VAL B 20 -8.61 5.07 8.74
CA VAL B 20 -7.25 5.51 8.48
C VAL B 20 -7.45 6.73 7.57
N SER B 21 -7.15 7.93 8.10
CA SER B 21 -7.51 9.18 7.45
C SER B 21 -6.33 10.14 7.33
N PRO B 22 -6.50 11.21 6.54
CA PRO B 22 -5.43 12.22 6.44
C PRO B 22 -5.19 12.98 7.76
N LEU B 23 -6.06 12.82 8.76
CA LEU B 23 -5.82 13.48 10.04
C LEU B 23 -5.11 12.55 11.03
N ALA B 24 -5.40 11.25 10.91
CA ALA B 24 -4.92 10.27 11.86
C ALA B 24 -5.29 8.87 11.43
N SER B 25 -4.52 7.91 11.92
CA SER B 25 -5.00 6.54 11.98
C SER B 25 -5.68 6.36 13.32
N GLY B 26 -6.96 6.01 13.27
CA GLY B 26 -7.78 5.84 14.48
C GLY B 26 -9.05 6.65 14.38
N VAL B 27 -10.16 6.05 14.83
CA VAL B 27 -11.46 6.74 14.81
C VAL B 27 -11.51 7.95 15.75
N GLU B 28 -11.23 7.75 17.02
CA GLU B 28 -11.39 8.85 17.97
C GLU B 28 -10.37 9.95 17.71
N GLU B 29 -9.17 9.55 17.31
CA GLU B 29 -8.12 10.55 17.07
CA GLU B 29 -8.09 10.49 17.02
C GLU B 29 -8.45 11.37 15.81
N THR B 30 -9.02 10.75 14.78
CA THR B 30 -9.46 11.49 13.59
C THR B 30 -10.60 12.45 13.94
N TRP B 31 -11.54 11.95 14.77
CA TRP B 31 -12.73 12.70 15.12
C TRP B 31 -12.34 13.94 15.94
N LYS B 32 -11.45 13.74 16.90
CA LYS B 32 -10.97 14.84 17.73
C LYS B 32 -10.34 15.94 16.87
N ARG B 33 -9.48 15.54 15.93
CA ARG B 33 -8.77 16.49 15.09
C ARG B 33 -9.74 17.17 14.14
N LEU B 34 -10.67 16.38 13.61
CA LEU B 34 -11.73 16.92 12.77
C LEU B 34 -12.50 18.06 13.46
N LEU B 35 -13.00 17.78 14.66
CA LEU B 35 -13.80 18.73 15.42
C LEU B 35 -12.99 19.93 15.87
N ALA B 36 -11.68 19.75 16.01
CA ALA B 36 -10.74 20.86 16.33
C ALA B 36 -10.43 21.77 15.14
N GLY B 37 -10.94 21.44 13.96
CA GLY B 37 -10.71 22.29 12.80
C GLY B 37 -9.39 22.06 12.07
N GLU B 38 -8.75 20.93 12.32
CA GLU B 38 -7.48 20.58 11.65
CA GLU B 38 -7.49 20.64 11.65
C GLU B 38 -7.75 20.18 10.21
N SER B 39 -6.79 20.46 9.35
CA SER B 39 -6.84 20.11 7.94
C SER B 39 -5.72 19.12 7.66
N GLY B 40 -6.02 18.12 6.84
CA GLY B 40 -4.98 17.19 6.37
C GLY B 40 -4.20 17.65 5.14
N ALA B 41 -4.51 18.84 4.61
CA ALA B 41 -3.95 19.26 3.31
C ALA B 41 -2.55 19.82 3.44
N ARG B 42 -1.67 19.37 2.54
CA ARG B 42 -0.28 19.83 2.51
C ARG B 42 0.29 19.65 1.10
N ARG B 43 1.30 20.44 0.78
CA ARG B 43 2.10 20.21 -0.42
C ARG B 43 2.67 18.77 -0.45
N VAL B 44 2.53 18.11 -1.59
CA VAL B 44 3.00 16.75 -1.76
C VAL B 44 4.52 16.76 -1.86
N THR B 45 5.16 15.90 -1.07
CA THR B 45 6.62 15.82 -1.01
C THR B 45 7.18 14.45 -1.39
N GLU B 46 6.32 13.43 -1.51
CA GLU B 46 6.79 12.05 -1.71
C GLU B 46 7.13 11.73 -3.16
N PHE B 47 6.63 12.56 -4.06
CA PHE B 47 6.93 12.37 -5.48
C PHE B 47 6.87 13.72 -6.17
N GLU B 48 7.29 13.77 -7.44
CA GLU B 48 7.39 15.04 -8.14
C GLU B 48 6.02 15.59 -8.47
N VAL B 49 5.78 16.85 -8.09
CA VAL B 49 4.49 17.51 -8.38
C VAL B 49 4.64 18.89 -9.02
N ASP B 50 5.85 19.39 -9.10
CA ASP B 50 6.02 20.79 -9.52
C ASP B 50 5.59 21.09 -10.95
N ASP B 51 5.57 20.05 -11.79
CA ASP B 51 5.04 20.17 -13.15
C ASP B 51 3.52 19.86 -13.26
N LEU B 52 2.85 19.67 -12.11
CA LEU B 52 1.40 19.40 -12.09
C LEU B 52 0.57 20.64 -11.75
N ALA B 53 -0.66 20.69 -12.24
CA ALA B 53 -1.55 21.81 -11.96
C ALA B 53 -1.93 21.84 -10.48
N CYS B 54 -2.09 20.64 -9.88
CA CYS B 54 -2.38 20.51 -8.45
C CYS B 54 -1.20 19.84 -7.73
N GLN B 55 -0.69 20.50 -6.69
CA GLN B 55 0.53 20.05 -6.01
C GLN B 55 0.29 19.70 -4.55
N ILE B 56 -0.99 19.56 -4.18
CA ILE B 56 -1.38 19.38 -2.78
C ILE B 56 -2.27 18.14 -2.66
N ALA B 57 -2.37 17.60 -1.45
CA ALA B 57 -3.21 16.42 -1.18
C ALA B 57 -3.41 16.31 0.32
N CYS B 58 -4.35 15.48 0.74
CA CYS B 58 -4.57 15.21 2.16
C CYS B 58 -4.04 13.82 2.46
N ARG B 59 -2.91 13.75 3.17
CA ARG B 59 -2.20 12.48 3.30
C ARG B 59 -2.21 11.95 4.73
N ILE B 60 -2.29 10.62 4.84
CA ILE B 60 -2.18 9.95 6.12
C ILE B 60 -0.82 10.23 6.78
N PRO B 61 -0.84 10.66 8.05
CA PRO B 61 0.43 10.83 8.78
C PRO B 61 1.01 9.46 9.15
N VAL B 62 2.17 9.13 8.61
CA VAL B 62 2.80 7.83 8.80
C VAL B 62 3.80 7.92 9.96
N GLY B 63 3.90 6.84 10.73
CA GLY B 63 4.82 6.80 11.87
C GLY B 63 4.80 5.47 12.58
N ASP B 64 5.12 5.48 13.86
CA ASP B 64 5.28 4.24 14.64
C ASP B 64 3.96 3.73 15.24
N GLY B 65 2.89 4.50 15.02
CA GLY B 65 1.58 4.14 15.54
C GLY B 65 1.14 4.94 16.74
N THR B 66 2.06 5.71 17.33
CA THR B 66 1.71 6.61 18.44
C THR B 66 1.34 8.00 17.88
N ASN B 67 0.72 8.83 18.71
CA ASN B 67 0.29 10.19 18.33
C ASN B 67 -0.65 10.23 17.12
N GLY B 68 -1.49 9.21 16.97
CA GLY B 68 -2.40 9.14 15.84
C GLY B 68 -1.75 8.80 14.50
N THR B 69 -0.48 8.39 14.52
CA THR B 69 0.19 8.05 13.27
C THR B 69 -0.21 6.68 12.77
N PHE B 70 -0.07 6.46 11.46
CA PHE B 70 -0.34 5.17 10.86
C PHE B 70 0.94 4.34 10.80
N ASN B 71 0.94 3.17 11.45
CA ASN B 71 2.04 2.21 11.35
C ASN B 71 1.56 0.94 10.65
N PRO B 72 1.81 0.87 9.33
CA PRO B 72 1.32 -0.29 8.56
C PRO B 72 1.84 -1.62 9.09
N ASP B 73 3.03 -1.60 9.75
CA ASP B 73 3.62 -2.80 10.33
C ASP B 73 2.73 -3.45 11.40
N LEU B 74 1.88 -2.65 12.04
CA LEU B 74 0.89 -3.17 13.00
C LEU B 74 -0.21 -4.02 12.35
N HIS B 75 -0.35 -3.90 11.04
CA HIS B 75 -1.48 -4.52 10.32
C HIS B 75 -1.03 -5.56 9.30
N MET B 76 0.18 -5.40 8.77
CA MET B 76 0.71 -6.30 7.73
CA MET B 76 0.69 -6.29 7.75
C MET B 76 2.22 -6.29 7.85
N ASP B 77 2.85 -7.47 7.68
CA ASP B 77 4.33 -7.57 7.75
C ASP B 77 4.91 -6.68 6.62
N PRO B 78 6.07 -6.04 6.86
CA PRO B 78 6.65 -5.23 5.79
C PRO B 78 6.82 -6.00 4.48
N LYS B 79 7.17 -7.28 4.56
CA LYS B 79 7.37 -8.09 3.34
C LYS B 79 6.08 -8.28 2.56
N GLU B 80 4.95 -8.25 3.27
CA GLU B 80 3.64 -8.33 2.65
C GLU B 80 3.13 -6.99 2.10
N GLN B 81 3.43 -5.89 2.79
CA GLN B 81 3.07 -4.54 2.33
C GLN B 81 3.65 -4.27 0.94
N ARG B 82 4.85 -4.75 0.67
CA ARG B 82 5.47 -4.44 -0.62
C ARG B 82 4.92 -5.28 -1.77
N LYS B 83 3.99 -6.19 -1.47
CA LYS B 83 3.34 -7.02 -2.48
C LYS B 83 2.01 -6.45 -2.96
N VAL B 84 1.57 -5.35 -2.35
CA VAL B 84 0.25 -4.78 -2.67
C VAL B 84 0.31 -3.27 -2.84
N ASP B 85 -0.68 -2.69 -3.51
CA ASP B 85 -0.79 -1.24 -3.52
C ASP B 85 -1.34 -0.76 -2.17
N PRO B 86 -1.11 0.51 -1.83
CA PRO B 86 -1.44 0.96 -0.46
C PRO B 86 -2.90 0.82 -0.05
N PHE B 87 -3.83 0.86 -1.01
CA PHE B 87 -5.27 0.78 -0.69
C PHE B 87 -5.58 -0.52 0.07
N ILE B 88 -4.86 -1.58 -0.25
CA ILE B 88 -5.07 -2.86 0.47
C ILE B 88 -4.60 -2.70 1.93
N VAL B 89 -3.44 -2.09 2.12
CA VAL B 89 -2.87 -1.88 3.47
C VAL B 89 -3.82 -1.03 4.32
N TYR B 90 -4.32 0.06 3.73
CA TYR B 90 -5.22 0.95 4.46
C TYR B 90 -6.50 0.22 4.88
N ALA B 91 -7.02 -0.63 3.97
CA ALA B 91 -8.25 -1.39 4.27
C ALA B 91 -8.00 -2.38 5.42
N VAL B 92 -6.86 -3.05 5.41
CA VAL B 92 -6.57 -4.00 6.48
C VAL B 92 -6.49 -3.24 7.82
N GLY B 93 -5.78 -2.12 7.83
CA GLY B 93 -5.69 -1.32 9.06
C GLY B 93 -7.04 -0.86 9.60
N ALA B 94 -7.89 -0.33 8.72
CA ALA B 94 -9.22 0.15 9.18
C ALA B 94 -10.09 -1.03 9.62
N ALA B 95 -9.98 -2.16 8.93
CA ALA B 95 -10.74 -3.36 9.32
C ALA B 95 -10.24 -3.95 10.64
N ASP B 96 -8.92 -4.01 10.83
CA ASP B 96 -8.37 -4.37 12.15
C ASP B 96 -8.99 -3.51 13.25
N GLN B 97 -9.07 -2.20 13.03
CA GLN B 97 -9.57 -1.28 14.03
C GLN B 97 -11.04 -1.58 14.30
N ALA B 98 -11.81 -1.73 13.22
CA ALA B 98 -13.26 -1.92 13.36
C ALA B 98 -13.61 -3.23 14.06
N LEU B 99 -12.90 -4.31 13.72
CA LEU B 99 -13.15 -5.57 14.42
C LEU B 99 -12.75 -5.54 15.90
N ASP B 100 -11.63 -4.88 16.22
CA ASP B 100 -11.24 -4.70 17.62
C ASP B 100 -12.31 -3.92 18.38
N ASP B 101 -12.81 -2.87 17.75
CA ASP B 101 -13.83 -1.99 18.33
C ASP B 101 -15.14 -2.77 18.57
N ALA B 102 -15.51 -3.61 17.60
CA ALA B 102 -16.72 -4.40 17.71
C ALA B 102 -16.54 -5.58 18.66
N GLY B 103 -15.28 -5.91 18.97
CA GLY B 103 -14.97 -7.14 19.74
C GLY B 103 -15.44 -8.39 19.01
N TRP B 104 -15.20 -8.43 17.70
CA TRP B 104 -15.66 -9.53 16.87
C TRP B 104 -14.47 -10.16 16.14
N HIS B 105 -14.10 -11.37 16.55
CA HIS B 105 -13.01 -12.09 15.90
C HIS B 105 -13.41 -13.56 15.80
N PRO B 106 -14.12 -13.91 14.72
CA PRO B 106 -14.75 -15.21 14.52
C PRO B 106 -13.76 -16.35 14.71
N GLU B 107 -14.05 -17.23 15.66
CA GLU B 107 -13.22 -18.40 15.86
C GLU B 107 -13.92 -19.74 15.55
N ASN B 108 -15.21 -19.85 15.79
CA ASN B 108 -15.87 -21.10 15.45
C ASN B 108 -16.40 -21.07 14.02
N ASP B 109 -16.83 -22.23 13.54
CA ASP B 109 -17.23 -22.33 12.16
C ASP B 109 -18.39 -21.38 11.85
N GLU B 110 -19.42 -21.38 12.70
CA GLU B 110 -20.62 -20.58 12.44
C GLU B 110 -20.32 -19.08 12.34
N ASP B 111 -19.57 -18.58 13.30
CA ASP B 111 -19.22 -17.17 13.34
C ASP B 111 -18.40 -16.77 12.10
N GLN B 112 -17.56 -17.68 11.63
CA GLN B 112 -16.77 -17.42 10.43
C GLN B 112 -17.65 -17.43 9.18
N VAL B 113 -18.52 -18.44 9.05
CA VAL B 113 -19.33 -18.50 7.80
C VAL B 113 -20.43 -17.43 7.75
N ARG B 114 -20.78 -16.85 8.90
CA ARG B 114 -21.84 -15.82 8.97
C ARG B 114 -21.31 -14.38 8.96
N THR B 115 -19.99 -14.23 8.88
CA THR B 115 -19.35 -12.91 8.75
C THR B 115 -18.69 -12.74 7.38
N GLY B 116 -19.12 -11.74 6.62
CA GLY B 116 -18.50 -11.46 5.31
C GLY B 116 -17.83 -10.11 5.25
N VAL B 117 -17.39 -9.73 4.05
CA VAL B 117 -16.63 -8.50 3.90
CA VAL B 117 -16.59 -8.52 3.87
C VAL B 117 -17.03 -7.89 2.55
N LEU B 118 -17.21 -6.59 2.54
CA LEU B 118 -17.54 -5.89 1.31
C LEU B 118 -16.84 -4.56 1.39
N ILE B 119 -15.64 -4.50 0.81
CA ILE B 119 -14.88 -3.26 0.79
C ILE B 119 -14.69 -2.85 -0.66
N GLY B 120 -15.03 -1.60 -0.97
CA GLY B 120 -14.88 -1.08 -2.34
C GLY B 120 -13.70 -0.14 -2.49
N SER B 121 -13.37 0.15 -3.75
CA SER B 121 -12.39 1.19 -4.06
C SER B 121 -12.80 1.77 -5.41
N GLY B 122 -12.53 3.06 -5.65
CA GLY B 122 -12.90 3.66 -6.94
C GLY B 122 -11.86 3.41 -8.02
N ILE B 123 -10.58 3.46 -7.66
CA ILE B 123 -9.51 3.31 -8.67
C ILE B 123 -8.50 2.21 -8.40
N GLY B 124 -8.47 1.72 -7.16
CA GLY B 124 -7.62 0.57 -6.84
C GLY B 124 -6.15 0.84 -7.09
N GLY B 125 -5.50 -0.07 -7.80
CA GLY B 125 -4.04 -0.06 -7.92
C GLY B 125 -3.41 0.63 -9.13
N ILE B 126 -3.98 1.77 -9.54
CA ILE B 126 -3.50 2.51 -10.71
C ILE B 126 -1.99 2.79 -10.62
N GLU B 127 -1.51 3.11 -9.43
CA GLU B 127 -0.13 3.45 -9.22
C GLU B 127 0.78 2.26 -9.50
N GLY B 128 0.48 1.11 -8.88
CA GLY B 128 1.32 -0.06 -9.09
C GLY B 128 1.21 -0.60 -10.50
N ILE B 129 0.07 -0.38 -11.16
CA ILE B 129 -0.09 -0.83 -12.54
C ILE B 129 0.88 -0.02 -13.42
N VAL B 130 0.92 1.28 -13.18
CA VAL B 130 1.91 2.13 -13.91
C VAL B 130 3.34 1.60 -13.68
N GLU B 131 3.70 1.30 -12.42
CA GLU B 131 5.04 0.79 -12.12
C GLU B 131 5.35 -0.55 -12.81
N ALA B 132 4.39 -1.48 -12.82
CA ALA B 132 4.59 -2.75 -13.52
C ALA B 132 4.74 -2.50 -15.02
N GLY B 133 3.98 -1.54 -15.54
CA GLY B 133 4.10 -1.13 -16.95
C GLY B 133 5.53 -0.71 -17.29
N TYR B 134 6.14 0.08 -16.40
CA TYR B 134 7.57 0.43 -16.56
C TYR B 134 8.48 -0.78 -16.49
N THR B 135 8.25 -1.67 -15.52
CA THR B 135 9.02 -2.92 -15.41
C THR B 135 8.93 -3.75 -16.70
N LEU B 136 7.70 -3.86 -17.20
CA LEU B 136 7.45 -4.60 -18.43
C LEU B 136 8.30 -4.05 -19.59
N ARG B 137 8.22 -2.74 -19.84
CA ARG B 137 8.94 -2.11 -20.94
CA ARG B 137 8.93 -2.09 -20.94
C ARG B 137 10.44 -2.11 -20.72
N ASP B 138 10.87 -1.80 -19.49
CA ASP B 138 12.31 -1.60 -19.20
C ASP B 138 13.11 -2.88 -18.93
N LYS B 139 12.49 -3.82 -18.20
CA LYS B 139 13.18 -5.04 -17.79
C LYS B 139 12.67 -6.28 -18.49
N GLY B 140 11.44 -6.23 -19.01
CA GLY B 140 10.90 -7.36 -19.75
C GLY B 140 9.87 -8.14 -18.94
N PRO B 141 9.06 -8.97 -19.63
CA PRO B 141 7.96 -9.68 -18.95
C PRO B 141 8.38 -10.70 -17.89
N ARG B 142 9.61 -11.20 -17.97
CA ARG B 142 10.05 -12.17 -16.96
C ARG B 142 10.30 -11.52 -15.60
N ARG B 143 10.42 -10.20 -15.57
CA ARG B 143 10.68 -9.47 -14.33
C ARG B 143 9.39 -8.93 -13.70
N ILE B 144 8.24 -9.25 -14.29
CA ILE B 144 6.96 -8.90 -13.68
C ILE B 144 6.76 -9.77 -12.43
N SER B 145 6.40 -9.14 -11.32
CA SER B 145 6.18 -9.86 -10.06
C SER B 145 4.99 -10.79 -10.16
N PRO B 146 5.11 -12.00 -9.57
CA PRO B 146 3.94 -12.87 -9.44
C PRO B 146 2.80 -12.18 -8.67
N PHE B 147 3.15 -11.19 -7.86
CA PHE B 147 2.14 -10.50 -7.07
C PHE B 147 1.52 -9.30 -7.80
N PHE B 148 1.94 -9.05 -9.04
CA PHE B 148 1.45 -7.86 -9.75
C PHE B 148 -0.08 -7.85 -9.84
N ILE B 149 -0.66 -8.93 -10.37
CA ILE B 149 -2.14 -8.98 -10.47
C ILE B 149 -2.87 -8.93 -9.11
N PRO B 150 -2.62 -9.91 -8.20
CA PRO B 150 -3.42 -9.86 -6.95
C PRO B 150 -3.23 -8.59 -6.12
N GLY B 151 -2.04 -7.99 -6.18
CA GLY B 151 -1.78 -6.78 -5.38
C GLY B 151 -2.45 -5.52 -5.90
N ARG B 152 -3.05 -5.61 -7.10
CA ARG B 152 -3.65 -4.45 -7.77
C ARG B 152 -5.15 -4.61 -8.00
N LEU B 153 -5.70 -5.80 -7.73
CA LEU B 153 -7.14 -6.01 -7.96
C LEU B 153 -7.94 -5.33 -6.87
N ILE B 154 -9.01 -4.61 -7.25
CA ILE B 154 -9.80 -3.91 -6.23
C ILE B 154 -10.34 -4.87 -5.16
N ASN B 155 -10.82 -6.05 -5.58
CA ASN B 155 -11.46 -6.97 -4.60
C ASN B 155 -10.48 -7.63 -3.64
N LEU B 156 -9.17 -7.42 -3.83
CA LEU B 156 -8.21 -8.04 -2.93
C LEU B 156 -8.10 -7.29 -1.60
N ALA B 157 -8.73 -6.12 -1.47
CA ALA B 157 -8.86 -5.51 -0.14
C ALA B 157 -9.81 -6.40 0.71
N SER B 158 -10.99 -6.71 0.18
CA SER B 158 -11.86 -7.70 0.80
C SER B 158 -11.13 -9.03 1.00
N GLY B 159 -10.36 -9.46 -0.01
CA GLY B 159 -9.66 -10.74 0.07
C GLY B 159 -8.70 -10.81 1.25
N HIS B 160 -7.83 -9.79 1.39
CA HIS B 160 -6.83 -9.78 2.48
C HIS B 160 -7.53 -9.71 3.84
N VAL B 161 -8.57 -8.89 3.92
CA VAL B 161 -9.30 -8.75 5.18
C VAL B 161 -9.96 -10.08 5.54
N SER B 162 -10.60 -10.74 4.57
CA SER B 162 -11.20 -12.08 4.78
C SER B 162 -10.19 -13.13 5.25
N ILE B 163 -9.03 -13.17 4.60
CA ILE B 163 -7.98 -14.12 4.95
C ILE B 163 -7.43 -13.88 6.35
N LYS B 164 -7.18 -12.61 6.68
CA LYS B 164 -6.56 -12.30 7.96
C LYS B 164 -7.47 -12.74 9.11
N HIS B 165 -8.76 -12.46 8.96
CA HIS B 165 -9.72 -12.62 10.06
C HIS B 165 -10.68 -13.80 9.89
N LYS B 166 -10.40 -14.67 8.92
CA LYS B 166 -11.13 -15.92 8.68
C LYS B 166 -12.62 -15.64 8.43
N LEU B 167 -12.88 -14.64 7.59
CA LEU B 167 -14.28 -14.22 7.32
C LEU B 167 -14.76 -14.99 6.09
N ARG B 168 -15.73 -15.88 6.29
CA ARG B 168 -16.08 -16.85 5.25
C ARG B 168 -17.46 -16.62 4.65
N GLY B 169 -18.13 -15.57 5.14
CA GLY B 169 -19.41 -15.16 4.57
C GLY B 169 -19.18 -14.49 3.21
N PRO B 170 -20.23 -13.85 2.67
CA PRO B 170 -20.13 -13.15 1.37
C PRO B 170 -18.84 -12.31 1.29
N ASN B 171 -18.04 -12.52 0.25
CA ASN B 171 -16.81 -11.74 0.01
C ASN B 171 -17.08 -10.95 -1.29
N HIS B 172 -17.21 -9.63 -1.18
CA HIS B 172 -17.77 -8.87 -2.27
C HIS B 172 -17.04 -7.51 -2.38
N SER B 173 -17.21 -6.82 -3.50
CA SER B 173 -16.54 -5.52 -3.68
C SER B 173 -17.29 -4.73 -4.72
N VAL B 174 -17.36 -3.41 -4.51
CA VAL B 174 -18.06 -2.53 -5.45
C VAL B 174 -17.14 -1.41 -5.90
N VAL B 175 -17.48 -0.80 -7.03
CA VAL B 175 -16.63 0.23 -7.60
C VAL B 175 -17.53 1.25 -8.32
N THR B 176 -17.76 2.38 -7.66
CA THR B 176 -18.66 3.42 -8.16
C THR B 176 -18.07 4.79 -7.89
N ALA B 177 -16.77 4.92 -8.16
CA ALA B 177 -16.09 6.23 -8.04
C ALA B 177 -16.38 6.89 -6.68
N CYS B 178 -16.81 8.17 -6.66
CA CYS B 178 -17.08 8.90 -5.39
C CYS B 178 -18.19 8.30 -4.56
N ALA B 179 -18.97 7.40 -5.15
CA ALA B 179 -20.11 6.82 -4.44
C ALA B 179 -19.75 5.53 -3.74
N THR B 180 -18.55 5.00 -4.02
CA THR B 180 -18.19 3.61 -3.64
C THR B 180 -18.46 3.26 -2.17
N GLY B 181 -17.98 4.12 -1.26
CA GLY B 181 -18.08 3.81 0.15
C GLY B 181 -19.50 3.73 0.66
N THR B 182 -20.38 4.50 0.04
CA THR B 182 -21.79 4.54 0.39
C THR B 182 -22.51 3.32 -0.13
N HIS B 183 -22.33 2.99 -1.42
CA HIS B 183 -22.85 1.72 -1.96
C HIS B 183 -22.34 0.52 -1.15
N ALA B 184 -21.09 0.55 -0.74
CA ALA B 184 -20.51 -0.65 -0.10
C ALA B 184 -21.25 -0.91 1.22
N ILE B 185 -21.48 0.14 1.99
CA ILE B 185 -22.20 0.04 3.27
C ILE B 185 -23.67 -0.30 3.08
N GLY B 186 -24.32 0.38 2.12
CA GLY B 186 -25.72 0.07 1.79
C GLY B 186 -25.89 -1.39 1.38
N ASP B 187 -25.02 -1.86 0.49
CA ASP B 187 -25.13 -3.25 -0.02
C ASP B 187 -24.80 -4.29 1.06
N ALA B 188 -23.82 -3.98 1.91
CA ALA B 188 -23.47 -4.89 3.02
C ALA B 188 -24.64 -4.96 4.02
N ALA B 189 -25.30 -3.84 4.26
CA ALA B 189 -26.47 -3.83 5.15
C ALA B 189 -27.59 -4.68 4.57
N ARG B 190 -27.79 -4.62 3.26
CA ARG B 190 -28.78 -5.49 2.58
CA ARG B 190 -28.80 -5.48 2.64
C ARG B 190 -28.46 -6.96 2.70
N LEU B 191 -27.18 -7.31 2.57
CA LEU B 191 -26.76 -8.71 2.73
C LEU B 191 -27.20 -9.20 4.12
N ILE B 192 -27.07 -8.35 5.13
CA ILE B 192 -27.51 -8.78 6.49
C ILE B 192 -29.05 -8.84 6.57
N ALA B 193 -29.70 -7.79 6.10
CA ALA B 193 -31.16 -7.68 6.18
C ALA B 193 -31.82 -8.89 5.55
N PHE B 194 -31.25 -9.34 4.43
CA PHE B 194 -31.85 -10.39 3.60
C PHE B 194 -31.43 -11.79 4.07
N GLY B 195 -30.49 -11.85 5.02
CA GLY B 195 -30.11 -13.11 5.64
C GLY B 195 -28.89 -13.83 5.07
N ASP B 196 -28.15 -13.19 4.16
CA ASP B 196 -26.92 -13.77 3.61
C ASP B 196 -25.73 -13.76 4.60
N ALA B 197 -25.83 -12.93 5.63
CA ALA B 197 -24.78 -12.81 6.63
C ALA B 197 -25.41 -12.25 7.90
N ASP B 198 -24.76 -12.48 9.03
CA ASP B 198 -25.19 -11.85 10.29
C ASP B 198 -24.27 -10.71 10.69
N VAL B 199 -23.05 -10.71 10.15
CA VAL B 199 -22.06 -9.65 10.39
C VAL B 199 -21.36 -9.34 9.10
N MET B 200 -21.13 -8.04 8.80
CA MET B 200 -20.36 -7.65 7.60
C MET B 200 -19.32 -6.61 7.96
N VAL B 201 -18.10 -6.80 7.47
CA VAL B 201 -17.06 -5.77 7.57
C VAL B 201 -17.17 -4.98 6.26
N ALA B 202 -17.49 -3.67 6.31
CA ALA B 202 -17.87 -2.98 5.09
C ALA B 202 -17.28 -1.60 5.00
N GLY B 203 -16.97 -1.16 3.78
CA GLY B 203 -16.49 0.20 3.62
C GLY B 203 -15.76 0.43 2.31
N GLY B 204 -14.80 1.34 2.36
CA GLY B 204 -14.12 1.84 1.16
C GLY B 204 -12.68 2.18 1.47
N THR B 205 -11.83 2.03 0.47
CA THR B 205 -10.40 2.29 0.59
C THR B 205 -9.89 2.89 -0.73
N GLU B 206 -8.93 3.80 -0.61
CA GLU B 206 -8.34 4.43 -1.78
C GLU B 206 -6.93 4.87 -1.48
N SER B 207 -6.07 4.67 -2.47
CA SER B 207 -4.71 5.22 -2.41
C SER B 207 -4.44 6.00 -3.73
N PRO B 208 -5.13 7.14 -3.91
CA PRO B 208 -5.09 7.89 -5.17
C PRO B 208 -4.11 9.04 -5.15
N VAL B 209 -3.27 9.14 -4.13
CA VAL B 209 -2.24 10.20 -4.11
C VAL B 209 -0.97 9.65 -4.73
N SER B 210 -0.90 9.72 -6.06
CA SER B 210 0.28 9.32 -6.82
C SER B 210 0.41 10.30 -7.98
N ARG B 211 1.56 10.24 -8.65
CA ARG B 211 1.79 11.11 -9.78
C ARG B 211 0.79 10.85 -10.90
N ILE B 212 0.54 9.56 -11.22
CA ILE B 212 -0.37 9.25 -12.33
C ILE B 212 -1.79 9.75 -12.05
N SER B 213 -2.23 9.56 -10.81
CA SER B 213 -3.56 9.94 -10.40
C SER B 213 -3.71 11.46 -10.37
N LEU B 214 -2.78 12.16 -9.72
CA LEU B 214 -2.78 13.63 -9.70
CA LEU B 214 -2.83 13.62 -9.70
C LEU B 214 -2.77 14.24 -11.11
N ALA B 215 -1.92 13.69 -11.98
CA ALA B 215 -1.88 14.13 -13.37
C ALA B 215 -3.20 13.87 -14.12
N GLY B 216 -3.79 12.69 -13.88
CA GLY B 216 -5.04 12.30 -14.53
C GLY B 216 -6.22 13.17 -14.10
N PHE B 217 -6.35 13.42 -12.81
CA PHE B 217 -7.47 14.24 -12.34
C PHE B 217 -7.27 15.73 -12.70
N ALA B 218 -6.02 16.18 -12.76
CA ALA B 218 -5.76 17.54 -13.24
C ALA B 218 -6.11 17.65 -14.73
N ALA B 219 -5.92 16.56 -15.48
CA ALA B 219 -6.17 16.64 -16.93
C ALA B 219 -7.66 16.81 -17.23
N CYS B 220 -8.53 16.23 -16.38
CA CYS B 220 -9.96 16.41 -16.57
C CYS B 220 -10.49 17.59 -15.72
N LYS B 221 -9.58 18.45 -15.28
CA LYS B 221 -9.91 19.72 -14.60
C LYS B 221 -10.70 19.53 -13.32
N ALA B 222 -10.43 18.44 -12.61
CA ALA B 222 -11.17 18.09 -11.40
C ALA B 222 -10.59 18.69 -10.14
N LEU B 223 -9.29 19.01 -10.13
CA LEU B 223 -8.59 19.36 -8.89
C LEU B 223 -8.42 20.86 -8.65
N SER B 224 -8.30 21.25 -7.39
CA SER B 224 -7.92 22.63 -7.03
C SER B 224 -6.52 22.96 -7.59
N THR B 225 -6.35 24.14 -8.17
CA THR B 225 -5.05 24.53 -8.76
C THR B 225 -4.56 25.90 -8.30
N GLU B 226 -5.42 26.69 -7.67
CA GLU B 226 -5.11 28.09 -7.38
C GLU B 226 -4.58 28.33 -5.96
N ARG B 227 -4.50 27.27 -5.16
CA ARG B 227 -4.09 27.40 -3.76
C ARG B 227 -2.99 26.42 -3.34
N ASN B 228 -2.08 26.15 -4.28
CA ASN B 228 -0.95 25.27 -3.98
C ASN B 228 -0.04 25.83 -2.88
N ASP B 229 0.00 27.16 -2.71
CA ASP B 229 0.81 27.78 -1.69
C ASP B 229 0.02 28.04 -0.39
N ASP B 230 -1.25 27.62 -0.34
CA ASP B 230 -2.04 27.73 0.87
C ASP B 230 -2.94 26.48 0.96
N PRO B 231 -2.31 25.30 1.18
CA PRO B 231 -3.03 24.03 0.96
C PRO B 231 -4.26 23.87 1.85
N THR B 232 -4.17 24.34 3.10
CA THR B 232 -5.29 24.16 4.05
C THR B 232 -6.53 24.96 3.68
N ALA B 233 -6.39 25.94 2.80
CA ALA B 233 -7.49 26.79 2.37
C ALA B 233 -8.10 26.32 1.05
N ALA B 234 -7.48 25.31 0.43
CA ALA B 234 -7.89 24.96 -0.93
C ALA B 234 -9.25 24.26 -1.00
N SER B 235 -9.49 23.30 -0.12
CA SER B 235 -10.78 22.63 -0.08
C SER B 235 -11.83 23.51 0.63
N ARG B 236 -12.77 24.07 -0.13
CA ARG B 236 -13.68 25.07 0.39
C ARG B 236 -15.12 24.88 -0.15
N PRO B 237 -15.75 23.77 0.23
CA PRO B 237 -17.08 23.46 -0.31
C PRO B 237 -18.07 24.59 -0.04
N TYR B 238 -18.86 24.89 -1.09
CA TYR B 238 -19.89 25.95 -1.12
C TYR B 238 -19.35 27.36 -1.17
N ASP B 239 -18.03 27.53 -1.07
CA ASP B 239 -17.46 28.87 -1.04
C ASP B 239 -17.37 29.47 -2.45
N GLU B 240 -17.62 30.78 -2.55
CA GLU B 240 -17.53 31.51 -3.81
CA GLU B 240 -17.52 31.53 -3.80
C GLU B 240 -16.24 31.25 -4.59
N ASP B 241 -15.14 31.02 -3.86
CA ASP B 241 -13.82 30.94 -4.48
C ASP B 241 -13.27 29.51 -4.65
N ARG B 242 -14.12 28.51 -4.47
CA ARG B 242 -13.74 27.12 -4.73
C ARG B 242 -13.27 26.93 -6.18
N ASP B 243 -12.35 25.99 -6.40
CA ASP B 243 -11.79 25.78 -7.72
C ASP B 243 -11.43 24.32 -8.01
N GLY B 244 -12.12 23.40 -7.35
CA GLY B 244 -11.90 21.95 -7.57
C GLY B 244 -11.50 21.20 -6.33
N PHE B 245 -11.53 19.86 -6.39
CA PHE B 245 -11.31 19.13 -5.14
C PHE B 245 -9.84 18.87 -4.77
N VAL B 246 -9.60 18.53 -3.50
CA VAL B 246 -8.26 18.17 -3.03
C VAL B 246 -8.29 16.68 -2.72
N MET B 247 -7.44 15.93 -3.38
CA MET B 247 -7.38 14.47 -3.25
CA MET B 247 -7.41 14.48 -3.24
C MET B 247 -6.92 14.08 -1.85
N GLY B 248 -7.57 13.06 -1.28
CA GLY B 248 -7.12 12.48 0.00
C GLY B 248 -6.95 10.97 -0.16
N GLU B 249 -6.50 10.29 0.89
CA GLU B 249 -6.26 8.87 0.82
C GLU B 249 -6.70 8.25 2.15
N GLY B 250 -6.98 6.95 2.14
CA GLY B 250 -7.31 6.26 3.39
C GLY B 250 -8.40 5.23 3.23
N ALA B 251 -8.97 4.81 4.36
CA ALA B 251 -10.02 3.80 4.33
C ALA B 251 -10.94 4.02 5.52
N GLY B 252 -12.23 3.79 5.30
CA GLY B 252 -13.22 3.79 6.39
C GLY B 252 -13.91 2.43 6.40
N ILE B 253 -14.12 1.87 7.59
CA ILE B 253 -14.76 0.57 7.73
C ILE B 253 -15.78 0.65 8.86
N VAL B 254 -16.94 0.06 8.63
CA VAL B 254 -17.89 -0.18 9.73
C VAL B 254 -18.10 -1.69 9.86
N VAL B 255 -18.27 -2.14 11.11
CA VAL B 255 -18.81 -3.48 11.33
C VAL B 255 -20.34 -3.34 11.42
N LEU B 256 -21.04 -4.03 10.52
CA LEU B 256 -22.50 -4.05 10.49
C LEU B 256 -22.96 -5.37 11.03
N GLU B 257 -24.06 -5.36 11.76
CA GLU B 257 -24.45 -6.58 12.46
C GLU B 257 -25.97 -6.66 12.53
N GLU B 258 -26.54 -7.85 12.34
CA GLU B 258 -27.99 -8.01 12.54
C GLU B 258 -28.32 -7.68 14.02
N LEU B 259 -29.45 -7.02 14.23
CA LEU B 259 -29.75 -6.45 15.55
C LEU B 259 -29.78 -7.49 16.69
N GLU B 260 -30.49 -8.60 16.49
CA GLU B 260 -30.63 -9.56 17.60
C GLU B 260 -29.29 -10.21 17.91
N HIS B 261 -28.47 -10.43 16.87
CA HIS B 261 -27.10 -10.97 17.01
C HIS B 261 -26.25 -10.05 17.88
N ALA B 262 -26.33 -8.74 17.59
CA ALA B 262 -25.60 -7.72 18.34
C ALA B 262 -26.05 -7.71 19.79
N LEU B 263 -27.37 -7.67 19.97
CA LEU B 263 -27.93 -7.60 21.33
C LEU B 263 -27.57 -8.84 22.16
N ALA B 264 -27.65 -10.03 21.55
CA ALA B 264 -27.41 -11.29 22.28
C ALA B 264 -25.99 -11.38 22.82
N ARG B 265 -25.03 -10.80 22.10
CA ARG B 265 -23.62 -10.94 22.50
C ARG B 265 -23.13 -9.72 23.28
N GLY B 266 -24.02 -8.76 23.51
CA GLY B 266 -23.68 -7.54 24.29
C GLY B 266 -22.85 -6.53 23.49
N ALA B 267 -22.98 -6.55 22.18
CA ALA B 267 -22.26 -5.61 21.33
C ALA B 267 -22.62 -4.14 21.59
N LYS B 268 -21.61 -3.26 21.52
CA LYS B 268 -21.91 -1.81 21.51
C LYS B 268 -22.71 -1.48 20.25
N ILE B 269 -23.66 -0.55 20.34
CA ILE B 269 -24.41 -0.14 19.13
C ILE B 269 -24.32 1.35 18.94
N TYR B 270 -23.69 1.77 17.85
CA TYR B 270 -23.51 3.19 17.56
C TYR B 270 -24.77 3.82 16.97
N ALA B 271 -25.40 3.11 16.05
CA ALA B 271 -26.55 3.64 15.31
C ALA B 271 -27.11 2.53 14.45
N GLU B 272 -28.25 2.80 13.83
CA GLU B 272 -28.91 1.82 12.96
C GLU B 272 -28.90 2.32 11.52
N VAL B 273 -28.62 1.42 10.59
CA VAL B 273 -28.74 1.71 9.16
C VAL B 273 -30.20 1.52 8.77
N ILE B 274 -30.88 2.62 8.42
CA ILE B 274 -32.32 2.57 8.15
C ILE B 274 -32.72 2.85 6.72
N GLY B 275 -31.88 3.55 5.97
CA GLY B 275 -32.24 3.85 4.59
C GLY B 275 -31.06 3.80 3.64
N TYR B 276 -31.35 3.55 2.37
CA TYR B 276 -30.32 3.43 1.33
C TYR B 276 -31.03 3.75 0.04
N GLY B 277 -30.49 4.68 -0.72
CA GLY B 277 -31.07 5.04 -2.01
C GLY B 277 -29.99 5.13 -3.09
N MET B 278 -30.40 4.92 -4.33
CA MET B 278 -29.51 4.96 -5.50
C MET B 278 -30.22 5.61 -6.66
N SER B 279 -29.45 6.24 -7.55
CA SER B 279 -30.01 6.69 -8.81
C SER B 279 -28.89 6.91 -9.81
N GLY B 280 -29.28 7.26 -11.03
CA GLY B 280 -28.30 7.57 -12.09
C GLY B 280 -28.71 8.88 -12.76
N ASP B 281 -27.73 9.73 -13.06
CA ASP B 281 -28.01 11.00 -13.76
C ASP B 281 -28.29 10.78 -15.25
N ALA B 282 -27.59 9.82 -15.87
CA ALA B 282 -27.69 9.55 -17.31
C ALA B 282 -27.40 10.83 -18.14
N PHE B 283 -26.42 11.61 -17.68
CA PHE B 283 -26.17 12.93 -18.31
C PHE B 283 -24.81 13.04 -19.01
N HIS B 284 -23.75 12.79 -18.26
CA HIS B 284 -22.39 13.09 -18.72
C HIS B 284 -21.38 12.25 -17.95
N ILE B 285 -20.25 11.94 -18.59
CA ILE B 285 -19.23 11.06 -17.97
C ILE B 285 -18.61 11.63 -16.67
N THR B 286 -18.52 12.95 -16.58
CA THR B 286 -17.92 13.57 -15.40
C THR B 286 -18.72 14.76 -14.85
N ALA B 287 -19.41 15.49 -15.73
CA ALA B 287 -20.15 16.70 -15.33
C ALA B 287 -21.45 16.37 -14.58
N PRO B 288 -21.81 17.21 -13.60
CA PRO B 288 -23.09 17.03 -12.90
C PRO B 288 -24.24 17.54 -13.78
N THR B 289 -25.45 17.01 -13.58
CA THR B 289 -26.65 17.56 -14.22
C THR B 289 -26.82 18.98 -13.72
N GLU B 290 -27.32 19.86 -14.56
CA GLU B 290 -27.60 21.22 -14.12
C GLU B 290 -28.74 21.25 -13.11
N SER B 291 -29.68 20.30 -13.23
CA SER B 291 -30.90 20.32 -12.43
C SER B 291 -30.76 19.67 -11.04
N GLY B 292 -29.73 18.85 -10.85
CA GLY B 292 -29.61 18.05 -9.64
C GLY B 292 -30.71 17.00 -9.46
N GLU B 293 -31.43 16.67 -10.54
CA GLU B 293 -32.61 15.83 -10.39
C GLU B 293 -32.27 14.39 -9.93
N GLY B 294 -31.14 13.87 -10.39
CA GLY B 294 -30.73 12.52 -10.00
C GLY B 294 -30.37 12.48 -8.51
N ALA B 295 -29.67 13.51 -8.04
CA ALA B 295 -29.36 13.63 -6.61
C ALA B 295 -30.64 13.69 -5.79
N GLN B 296 -31.61 14.48 -6.26
CA GLN B 296 -32.90 14.56 -5.58
C GLN B 296 -33.58 13.19 -5.48
N ARG B 297 -33.70 12.50 -6.61
CA ARG B 297 -34.33 11.19 -6.60
C ARG B 297 -33.60 10.20 -5.69
N CYS B 298 -32.28 10.29 -5.66
CA CYS B 298 -31.50 9.37 -4.80
C CYS B 298 -31.84 9.62 -3.31
N MET B 299 -31.84 10.88 -2.89
CA MET B 299 -32.17 11.19 -1.50
C MET B 299 -33.62 10.80 -1.17
N VAL B 300 -34.55 11.12 -2.06
CA VAL B 300 -35.97 10.78 -1.86
C VAL B 300 -36.10 9.27 -1.71
N ALA B 301 -35.37 8.52 -2.54
CA ALA B 301 -35.45 7.05 -2.43
C ALA B 301 -34.91 6.54 -1.09
N ALA B 302 -33.79 7.12 -0.64
CA ALA B 302 -33.21 6.77 0.67
C ALA B 302 -34.17 7.04 1.83
N LEU B 303 -34.78 8.22 1.82
CA LEU B 303 -35.74 8.59 2.86
C LEU B 303 -36.99 7.72 2.84
N LYS B 304 -37.47 7.38 1.65
CA LYS B 304 -38.60 6.45 1.53
C LYS B 304 -38.24 5.07 2.14
N ARG B 305 -37.05 4.56 1.81
CA ARG B 305 -36.64 3.28 2.38
C ARG B 305 -36.61 3.36 3.89
N ALA B 306 -36.08 4.47 4.41
CA ALA B 306 -35.96 4.72 5.86
C ALA B 306 -37.32 4.95 6.55
N GLY B 307 -38.35 5.27 5.77
CA GLY B 307 -39.66 5.53 6.35
C GLY B 307 -39.72 6.83 7.13
N ILE B 308 -38.92 7.82 6.72
CA ILE B 308 -38.92 9.11 7.41
C ILE B 308 -39.28 10.23 6.44
N VAL B 309 -39.75 11.35 6.99
CA VAL B 309 -39.99 12.57 6.22
C VAL B 309 -38.79 13.51 6.47
N PRO B 310 -38.56 14.52 5.60
CA PRO B 310 -37.40 15.41 5.77
C PRO B 310 -37.32 16.16 7.09
N ASP B 311 -38.47 16.48 7.69
CA ASP B 311 -38.47 17.08 9.01
C ASP B 311 -37.69 16.24 10.04
N GLU B 312 -37.53 14.95 9.77
CA GLU B 312 -36.83 14.09 10.72
C GLU B 312 -35.32 14.07 10.51
N ILE B 313 -34.84 14.68 9.43
CA ILE B 313 -33.41 14.75 9.20
C ILE B 313 -32.81 15.83 10.08
N ASP B 314 -31.71 15.52 10.76
CA ASP B 314 -31.02 16.51 11.58
C ASP B 314 -29.71 16.98 10.97
N TYR B 315 -28.95 16.04 10.45
CA TYR B 315 -27.63 16.35 9.90
C TYR B 315 -27.47 15.71 8.53
N ILE B 316 -26.91 16.46 7.59
CA ILE B 316 -26.56 15.91 6.28
C ILE B 316 -25.07 16.01 6.09
N ASN B 317 -24.41 14.86 5.86
CA ASN B 317 -23.01 14.91 5.46
C ASN B 317 -23.00 14.93 3.92
N ALA B 318 -22.68 16.09 3.35
CA ALA B 318 -22.79 16.33 1.90
C ALA B 318 -21.74 15.60 1.09
N HIS B 319 -22.02 15.44 -0.21
CA HIS B 319 -20.97 15.04 -1.14
C HIS B 319 -19.91 16.19 -1.22
N GLY B 320 -20.36 17.41 -1.49
CA GLY B 320 -19.58 18.66 -1.28
C GLY B 320 -18.07 18.59 -1.54
N THR B 321 -17.67 18.38 -2.79
CA THR B 321 -16.25 18.16 -3.07
C THR B 321 -15.45 19.45 -3.27
N SER B 322 -16.11 20.61 -3.23
CA SER B 322 -15.46 21.94 -3.50
C SER B 322 -15.29 22.21 -5.00
N THR B 323 -16.33 21.89 -5.74
CA THR B 323 -16.35 22.02 -7.19
C THR B 323 -17.56 22.85 -7.54
N MET B 324 -17.72 23.15 -8.83
CA MET B 324 -18.90 23.90 -9.27
C MET B 324 -20.23 23.23 -8.85
N ALA B 325 -20.25 21.90 -8.88
CA ALA B 325 -21.39 21.05 -8.48
C ALA B 325 -21.93 21.29 -7.07
N ASP B 326 -21.12 21.85 -6.18
CA ASP B 326 -21.57 22.01 -4.79
C ASP B 326 -22.92 22.69 -4.74
N THR B 327 -23.12 23.73 -5.56
CA THR B 327 -24.37 24.51 -5.49
C THR B 327 -25.58 23.75 -6.07
N ILE B 328 -25.30 22.80 -6.97
CA ILE B 328 -26.34 21.93 -7.53
C ILE B 328 -26.84 20.96 -6.46
N GLU B 329 -25.92 20.33 -5.72
CA GLU B 329 -26.34 19.47 -4.62
C GLU B 329 -27.13 20.27 -3.58
N LEU B 330 -26.64 21.47 -3.24
CA LEU B 330 -27.34 22.32 -2.26
C LEU B 330 -28.79 22.57 -2.72
N GLY B 331 -28.97 22.92 -3.99
CA GLY B 331 -30.32 23.12 -4.57
C GLY B 331 -31.19 21.87 -4.47
N ALA B 332 -30.61 20.72 -4.81
CA ALA B 332 -31.33 19.43 -4.72
C ALA B 332 -31.77 19.14 -3.26
N VAL B 333 -30.88 19.39 -2.29
CA VAL B 333 -31.21 19.20 -0.87
C VAL B 333 -32.35 20.14 -0.46
N GLU B 334 -32.28 21.41 -0.88
CA GLU B 334 -33.35 22.33 -0.55
C GLU B 334 -34.69 21.84 -1.06
N ARG B 335 -34.72 21.29 -2.26
CA ARG B 335 -35.99 20.86 -2.86
C ARG B 335 -36.49 19.62 -2.11
N VAL B 336 -35.58 18.75 -1.67
CA VAL B 336 -35.94 17.54 -0.92
C VAL B 336 -36.54 17.90 0.44
N VAL B 337 -35.92 18.84 1.14
CA VAL B 337 -36.30 19.07 2.55
C VAL B 337 -37.37 20.15 2.79
N GLY B 338 -37.64 20.98 1.78
CA GLY B 338 -38.66 22.04 1.93
C GLY B 338 -38.53 22.89 3.18
N GLU B 339 -39.62 23.05 3.93
CA GLU B 339 -39.62 23.89 5.13
C GLU B 339 -38.66 23.40 6.24
N ALA B 340 -38.20 22.15 6.20
CA ALA B 340 -37.21 21.66 7.18
C ALA B 340 -35.81 22.27 7.01
N ALA B 341 -35.59 22.99 5.90
CA ALA B 341 -34.28 23.57 5.61
C ALA B 341 -33.76 24.39 6.80
N ALA B 342 -34.63 25.18 7.43
CA ALA B 342 -34.22 26.03 8.53
C ALA B 342 -33.80 25.27 9.80
N LYS B 343 -34.12 23.98 9.86
CA LYS B 343 -33.77 23.16 11.01
C LYS B 343 -32.52 22.31 10.81
N ILE B 344 -32.14 22.09 9.56
CA ILE B 344 -31.12 21.09 9.22
C ILE B 344 -29.71 21.67 9.17
N SER B 345 -28.72 20.91 9.64
CA SER B 345 -27.32 21.28 9.44
C SER B 345 -26.76 20.37 8.35
N MET B 346 -26.04 20.96 7.38
CA MET B 346 -25.36 20.20 6.33
C MET B 346 -23.93 20.70 6.22
N SER B 347 -22.98 19.77 6.28
CA SER B 347 -21.58 20.20 6.12
C SER B 347 -20.83 19.19 5.25
N SER B 348 -19.73 19.65 4.65
CA SER B 348 -18.85 18.77 3.95
C SER B 348 -17.54 18.61 4.71
N THR B 349 -17.28 17.39 5.16
CA THR B 349 -16.01 17.06 5.83
C THR B 349 -14.85 16.92 4.83
N LYS B 350 -15.16 16.99 3.53
CA LYS B 350 -14.07 17.11 2.52
C LYS B 350 -13.31 18.41 2.67
N SER B 351 -13.90 19.37 3.37
CA SER B 351 -13.24 20.63 3.70
C SER B 351 -12.02 20.42 4.61
N SER B 352 -12.03 19.30 5.34
CA SER B 352 -10.98 18.95 6.30
C SER B 352 -10.03 17.87 5.81
N ILE B 353 -10.57 16.81 5.20
CA ILE B 353 -9.73 15.66 4.84
C ILE B 353 -9.65 15.45 3.32
N GLY B 354 -10.23 16.37 2.57
CA GLY B 354 -10.26 16.26 1.11
C GLY B 354 -11.16 15.15 0.65
N HIS B 355 -10.95 14.73 -0.59
CA HIS B 355 -11.82 13.79 -1.26
C HIS B 355 -11.14 12.42 -1.34
N LEU B 356 -11.62 11.47 -0.54
CA LEU B 356 -11.05 10.15 -0.48
C LEU B 356 -11.56 9.22 -1.60
N LEU B 357 -12.23 9.81 -2.60
CA LEU B 357 -12.76 9.06 -3.76
C LEU B 357 -13.59 7.86 -3.28
N GLY B 358 -13.17 6.64 -3.60
CA GLY B 358 -13.96 5.47 -3.20
C GLY B 358 -14.02 5.21 -1.69
N ALA B 359 -13.12 5.80 -0.91
CA ALA B 359 -13.22 5.73 0.56
C ALA B 359 -14.06 6.87 1.18
N ALA B 360 -14.35 7.91 0.39
CA ALA B 360 -15.07 9.09 0.91
C ALA B 360 -16.37 8.71 1.62
N GLY B 361 -17.18 7.87 0.97
CA GLY B 361 -18.49 7.53 1.56
C GLY B 361 -18.37 6.75 2.85
N ALA B 362 -17.31 5.95 2.95
CA ALA B 362 -17.09 5.14 4.12
C ALA B 362 -16.62 6.03 5.29
N ALA B 363 -15.63 6.87 5.04
CA ALA B 363 -15.20 7.83 6.07
C ALA B 363 -16.36 8.72 6.53
N GLU B 364 -17.16 9.17 5.57
CA GLU B 364 -18.28 10.05 5.87
C GLU B 364 -19.45 9.37 6.57
N ALA B 365 -19.63 8.07 6.32
CA ALA B 365 -20.57 7.27 7.15
C ALA B 365 -20.06 7.15 8.60
N VAL B 366 -18.74 6.97 8.78
CA VAL B 366 -18.18 6.97 10.14
C VAL B 366 -18.41 8.33 10.80
N PHE B 367 -18.14 9.41 10.08
CA PHE B 367 -18.38 10.73 10.66
C PHE B 367 -19.88 10.95 10.98
N SER B 368 -20.78 10.52 10.10
CA SER B 368 -22.23 10.65 10.32
C SER B 368 -22.68 9.87 11.56
N THR B 369 -22.10 8.68 11.75
CA THR B 369 -22.34 7.86 12.96
C THR B 369 -21.91 8.59 14.25
N LEU B 370 -20.71 9.18 14.23
CA LEU B 370 -20.19 9.90 15.40
C LEU B 370 -20.94 11.24 15.63
N ALA B 371 -21.48 11.83 14.56
CA ALA B 371 -22.29 13.05 14.69
C ALA B 371 -23.53 12.73 15.53
N ILE B 372 -24.10 11.56 15.28
CA ILE B 372 -25.22 11.04 16.11
C ILE B 372 -24.75 10.78 17.55
N ARG B 373 -23.65 10.04 17.69
CA ARG B 373 -23.16 9.68 19.03
C ARG B 373 -22.90 10.92 19.88
N ASP B 374 -22.24 11.90 19.30
CA ASP B 374 -21.77 13.04 20.04
C ASP B 374 -22.65 14.29 19.94
N ASN B 375 -23.77 14.18 19.21
CA ASN B 375 -24.67 15.33 18.99
C ASN B 375 -23.89 16.59 18.57
N ILE B 376 -23.11 16.44 17.52
CA ILE B 376 -22.32 17.55 17.03
C ILE B 376 -22.17 17.44 15.51
N ALA B 377 -22.38 18.56 14.82
CA ALA B 377 -22.15 18.61 13.37
C ALA B 377 -20.75 19.11 13.04
N PRO B 378 -19.96 18.30 12.32
CA PRO B 378 -18.65 18.79 11.85
C PRO B 378 -18.79 20.08 10.99
N ALA B 379 -17.75 20.90 10.98
CA ALA B 379 -17.73 22.16 10.24
C ALA B 379 -17.50 21.93 8.75
N THR B 380 -17.92 22.90 7.96
CA THR B 380 -17.35 23.10 6.62
C THR B 380 -16.26 24.17 6.79
N LEU B 381 -15.01 23.73 6.78
CA LEU B 381 -13.90 24.67 6.85
C LEU B 381 -13.89 25.54 5.60
N ASN B 382 -13.33 26.74 5.74
CA ASN B 382 -13.04 27.66 4.63
C ASN B 382 -14.23 28.31 3.97
N LEU B 383 -15.41 28.18 4.57
CA LEU B 383 -16.63 28.73 4.01
C LEU B 383 -16.74 30.22 4.35
N ASP B 384 -15.92 31.02 3.67
CA ASP B 384 -15.84 32.45 3.97
C ASP B 384 -17.04 33.17 3.42
N ASN B 385 -17.37 32.87 2.16
CA ASN B 385 -18.51 33.51 1.49
C ASN B 385 -19.28 32.49 0.71
N PRO B 386 -20.43 32.02 1.23
CA PRO B 386 -21.22 31.01 0.54
C PRO B 386 -21.61 31.47 -0.87
N ALA B 387 -21.52 30.55 -1.81
CA ALA B 387 -21.77 30.85 -3.21
C ALA B 387 -23.25 31.07 -3.47
N ALA B 388 -24.11 30.64 -2.54
CA ALA B 388 -25.56 30.85 -2.68
C ALA B 388 -26.16 31.19 -1.32
N GLN B 389 -27.31 31.88 -1.29
CA GLN B 389 -27.95 32.13 -0.01
C GLN B 389 -28.93 30.99 0.25
N THR B 390 -28.81 30.35 1.40
CA THR B 390 -29.69 29.21 1.75
C THR B 390 -30.11 29.27 3.25
N ARG B 391 -31.29 28.71 3.58
CA ARG B 391 -31.73 28.60 4.98
CA ARG B 391 -31.71 28.61 4.97
C ARG B 391 -30.99 27.46 5.66
N ILE B 392 -30.40 26.56 4.88
CA ILE B 392 -29.65 25.44 5.45
C ILE B 392 -28.42 25.96 6.20
N ASP B 393 -28.17 25.39 7.38
CA ASP B 393 -27.00 25.70 8.20
C ASP B 393 -25.82 24.90 7.67
N LEU B 394 -24.87 25.60 7.01
CA LEU B 394 -23.73 24.90 6.43
C LEU B 394 -22.55 24.74 7.39
N VAL B 395 -22.77 25.10 8.65
CA VAL B 395 -21.80 24.91 9.75
C VAL B 395 -20.43 25.50 9.41
N PRO B 396 -20.41 26.78 9.01
CA PRO B 396 -19.09 27.31 8.57
C PRO B 396 -18.06 27.38 9.71
N HIS B 397 -16.80 27.06 9.38
CA HIS B 397 -15.61 27.31 10.22
C HIS B 397 -15.42 26.43 11.44
N LYS B 398 -16.48 26.30 12.24
CA LYS B 398 -16.41 25.58 13.52
C LYS B 398 -17.62 24.68 13.70
N PRO B 399 -17.43 23.50 14.33
CA PRO B 399 -18.57 22.59 14.48
C PRO B 399 -19.66 23.15 15.36
N ARG B 400 -20.85 22.57 15.28
CA ARG B 400 -21.97 23.04 16.08
CA ARG B 400 -21.96 23.04 16.09
C ARG B 400 -22.61 21.88 16.83
N GLU B 401 -22.61 21.96 18.16
CA GLU B 401 -23.35 20.99 18.96
C GLU B 401 -24.85 21.20 18.78
N ARG B 402 -25.58 20.09 18.65
CA ARG B 402 -27.02 20.15 18.42
C ARG B 402 -27.55 18.76 18.48
N LYS B 403 -28.85 18.62 18.73
CA LYS B 403 -29.49 17.31 18.58
C LYS B 403 -29.25 16.71 17.18
N ILE B 404 -28.67 15.50 17.15
CA ILE B 404 -28.56 14.76 15.89
C ILE B 404 -29.01 13.32 16.16
N ASP B 405 -30.18 13.00 15.66
CA ASP B 405 -30.76 11.65 15.79
C ASP B 405 -30.78 10.93 14.45
N VAL B 406 -30.90 11.70 13.36
CA VAL B 406 -30.88 11.15 12.00
C VAL B 406 -29.85 11.89 11.15
N ALA B 407 -28.97 11.12 10.50
CA ALA B 407 -27.98 11.67 9.58
C ALA B 407 -28.22 11.09 8.19
N LEU B 408 -28.11 11.97 7.19
CA LEU B 408 -28.17 11.58 5.77
C LEU B 408 -26.78 11.78 5.17
N SER B 409 -26.22 10.77 4.52
CA SER B 409 -24.91 10.92 3.88
C SER B 409 -25.02 10.71 2.38
N ASN B 410 -24.58 11.70 1.61
CA ASN B 410 -24.70 11.69 0.16
C ASN B 410 -23.38 11.46 -0.56
N SER B 411 -23.43 10.76 -1.69
CA SER B 411 -22.26 10.55 -2.53
C SER B 411 -22.70 10.55 -4.00
N PHE B 412 -22.12 11.43 -4.81
CA PHE B 412 -22.60 11.58 -6.18
C PHE B 412 -21.38 11.54 -7.07
N GLY B 413 -21.09 10.37 -7.65
CA GLY B 413 -19.82 10.11 -8.33
C GLY B 413 -19.75 10.24 -9.84
N PHE B 414 -18.51 10.29 -10.36
CA PHE B 414 -18.25 10.27 -11.81
C PHE B 414 -19.00 9.16 -12.50
N GLY B 415 -19.53 9.44 -13.68
CA GLY B 415 -20.41 8.49 -14.41
C GLY B 415 -21.88 8.71 -14.09
N GLY B 416 -22.18 9.65 -13.18
CA GLY B 416 -23.55 9.93 -12.78
C GLY B 416 -24.12 8.91 -11.78
N THR B 417 -23.24 8.27 -11.01
CA THR B 417 -23.65 7.24 -10.05
C THR B 417 -23.89 7.85 -8.65
N ASN B 418 -25.11 7.71 -8.15
CA ASN B 418 -25.56 8.37 -6.94
C ASN B 418 -25.98 7.37 -5.87
N ALA B 419 -25.56 7.65 -4.64
CA ALA B 419 -26.00 6.80 -3.52
C ALA B 419 -26.13 7.64 -2.26
N SER B 420 -27.13 7.32 -1.45
CA SER B 420 -27.35 7.97 -0.17
C SER B 420 -27.63 6.96 0.94
N LEU B 421 -27.20 7.27 2.16
CA LEU B 421 -27.45 6.38 3.30
C LEU B 421 -28.15 7.17 4.37
N VAL B 422 -29.10 6.55 5.09
CA VAL B 422 -29.74 7.20 6.22
C VAL B 422 -29.43 6.40 7.47
N LEU B 423 -28.85 7.07 8.48
CA LEU B 423 -28.53 6.46 9.79
C LEU B 423 -29.39 7.10 10.87
N ARG B 424 -29.77 6.31 11.87
CA ARG B 424 -30.60 6.83 12.95
C ARG B 424 -30.12 6.25 14.27
N ARG B 425 -30.17 7.09 15.31
CA ARG B 425 -29.94 6.63 16.67
C ARG B 425 -30.70 5.33 16.90
N TYR B 426 -30.09 4.40 17.62
CA TYR B 426 -30.77 3.16 17.98
C TYR B 426 -31.45 3.39 19.34
N THR B 427 -32.78 3.24 19.38
CA THR B 427 -33.54 3.34 20.62
C THR B 427 -33.95 1.96 21.11
N ALA B 428 -34.72 1.26 20.28
CA ALA B 428 -35.24 -0.08 20.60
C ALA B 428 -35.73 -0.67 19.29
N MET C 9 26.08 27.76 1.88
CA MET C 9 27.07 26.94 2.63
C MET C 9 28.18 26.50 1.68
N ARG C 10 29.41 26.55 2.16
CA ARG C 10 30.55 26.12 1.36
C ARG C 10 30.61 24.60 1.38
N ARG C 11 31.23 24.04 0.36
CA ARG C 11 31.39 22.59 0.29
C ARG C 11 32.60 22.10 1.07
N VAL C 12 32.51 20.87 1.57
CA VAL C 12 33.49 20.34 2.52
C VAL C 12 33.99 19.02 2.02
N VAL C 13 35.31 18.89 1.84
CA VAL C 13 35.89 17.64 1.38
C VAL C 13 36.83 17.04 2.42
N ILE C 14 37.03 15.71 2.33
CA ILE C 14 37.95 14.99 3.18
C ILE C 14 39.31 14.88 2.51
N THR C 15 40.33 15.42 3.17
CA THR C 15 41.65 15.49 2.55
C THR C 15 42.72 14.80 3.37
N GLY C 16 42.34 14.23 4.50
CA GLY C 16 43.32 13.45 5.25
C GLY C 16 42.65 12.46 6.17
N LEU C 17 43.33 11.34 6.45
CA LEU C 17 42.79 10.29 7.33
C LEU C 17 43.84 9.85 8.35
N GLY C 18 43.38 9.54 9.56
CA GLY C 18 44.24 8.96 10.60
C GLY C 18 43.42 7.99 11.43
N LEU C 19 44.08 6.91 11.85
CA LEU C 19 43.37 5.86 12.55
C LEU C 19 44.32 5.09 13.44
N VAL C 20 43.96 5.03 14.73
CA VAL C 20 44.63 4.15 15.67
C VAL C 20 43.51 3.17 16.06
N SER C 21 43.65 1.89 15.67
CA SER C 21 42.56 0.93 15.79
C SER C 21 43.02 -0.40 16.41
N PRO C 22 42.03 -1.26 16.75
CA PRO C 22 42.37 -2.59 17.26
C PRO C 22 43.06 -3.52 16.25
N LEU C 23 43.06 -3.15 14.97
CA LEU C 23 43.83 -3.91 13.97
C LEU C 23 45.25 -3.39 13.73
N ALA C 24 45.44 -2.07 13.85
CA ALA C 24 46.74 -1.43 13.55
C ALA C 24 46.73 0.05 13.91
N SER C 25 47.91 0.63 14.13
CA SER C 25 48.02 2.07 14.05
C SER C 25 48.35 2.38 12.61
N GLY C 26 47.48 3.14 11.93
CA GLY C 26 47.69 3.46 10.53
C GLY C 26 46.47 3.13 9.71
N VAL C 27 46.14 4.03 8.78
CA VAL C 27 44.93 3.91 7.98
C VAL C 27 45.06 2.75 6.97
N GLU C 28 46.15 2.73 6.22
CA GLU C 28 46.24 1.71 5.16
C GLU C 28 46.40 0.33 5.75
N GLU C 29 47.19 0.24 6.83
CA GLU C 29 47.39 -1.06 7.46
C GLU C 29 46.09 -1.56 8.13
N THR C 30 45.36 -0.67 8.79
CA THR C 30 44.05 -1.07 9.36
C THR C 30 43.14 -1.57 8.26
N TRP C 31 43.08 -0.83 7.16
CA TRP C 31 42.17 -1.14 6.07
C TRP C 31 42.55 -2.46 5.43
N LYS C 32 43.85 -2.68 5.25
CA LYS C 32 44.29 -3.94 4.67
C LYS C 32 43.87 -5.13 5.54
N ARG C 33 44.11 -4.99 6.84
CA ARG C 33 43.75 -6.05 7.79
C ARG C 33 42.24 -6.24 7.87
N LEU C 34 41.50 -5.14 7.83
CA LEU C 34 40.05 -5.21 7.85
C LEU C 34 39.53 -6.03 6.67
N LEU C 35 40.02 -5.70 5.47
CA LEU C 35 39.56 -6.35 4.24
C LEU C 35 40.05 -7.80 4.18
N ALA C 36 41.13 -8.08 4.89
CA ALA C 36 41.62 -9.46 5.00
C ALA C 36 40.80 -10.34 5.96
N GLY C 37 39.83 -9.77 6.67
CA GLY C 37 39.00 -10.58 7.55
C GLY C 37 39.58 -10.78 8.94
N GLU C 38 40.58 -9.96 9.32
CA GLU C 38 41.18 -10.06 10.65
CA GLU C 38 41.19 -10.02 10.65
C GLU C 38 40.26 -9.43 11.72
N SER C 39 40.31 -10.02 12.90
CA SER C 39 39.58 -9.55 14.08
C SER C 39 40.56 -8.97 15.10
N GLY C 40 40.16 -7.88 15.75
CA GLY C 40 40.96 -7.30 16.85
C GLY C 40 40.65 -7.91 18.20
N ALA C 41 39.70 -8.84 18.25
CA ALA C 41 39.18 -9.34 19.53
C ALA C 41 40.12 -10.35 20.18
N ARG C 42 40.43 -10.15 21.45
CA ARG C 42 41.20 -11.13 22.22
C ARG C 42 40.83 -11.04 23.69
N ARG C 43 41.12 -12.12 24.43
CA ARG C 43 41.02 -12.07 25.89
CA ARG C 43 41.03 -12.07 25.90
C ARG C 43 42.00 -11.02 26.42
N VAL C 44 41.52 -10.16 27.33
CA VAL C 44 42.33 -9.09 27.91
C VAL C 44 43.43 -9.69 28.79
N THR C 45 44.67 -9.19 28.65
CA THR C 45 45.81 -9.70 29.42
C THR C 45 46.48 -8.61 30.28
N GLU C 46 46.14 -7.34 30.07
CA GLU C 46 46.86 -6.22 30.71
C GLU C 46 46.47 -5.99 32.16
N PHE C 47 45.30 -6.48 32.53
CA PHE C 47 44.77 -6.38 33.87
C PHE C 47 43.89 -7.60 34.18
N GLU C 48 43.53 -7.76 35.45
CA GLU C 48 42.72 -8.91 35.89
C GLU C 48 41.33 -8.90 35.26
N VAL C 49 40.92 -10.04 34.69
CA VAL C 49 39.57 -10.16 34.15
C VAL C 49 38.82 -11.42 34.58
N ASP C 50 39.45 -12.28 35.37
CA ASP C 50 38.84 -13.58 35.71
C ASP C 50 37.49 -13.46 36.42
N ASP C 51 37.30 -12.37 37.13
CA ASP C 51 36.05 -12.11 37.88
C ASP C 51 35.02 -11.30 37.08
N LEU C 52 35.33 -10.98 35.82
CA LEU C 52 34.41 -10.18 34.97
C LEU C 52 33.51 -11.02 34.10
N ALA C 53 32.30 -10.52 33.82
CA ALA C 53 31.36 -11.20 32.93
C ALA C 53 31.87 -11.21 31.49
N CYS C 54 32.41 -10.07 31.07
CA CYS C 54 33.07 -9.92 29.78
C CYS C 54 34.58 -9.79 29.98
N GLN C 55 35.34 -10.71 29.38
CA GLN C 55 36.79 -10.80 29.57
C GLN C 55 37.58 -10.49 28.29
N ILE C 56 36.88 -9.99 27.28
CA ILE C 56 37.46 -9.78 25.94
C ILE C 56 37.33 -8.32 25.53
N ALA C 57 38.18 -7.91 24.58
CA ALA C 57 38.12 -6.56 24.04
C ALA C 57 38.90 -6.54 22.74
N CYS C 58 38.71 -5.47 21.98
CA CYS C 58 39.49 -5.27 20.75
C CYS C 58 40.54 -4.22 21.04
N ARG C 59 41.81 -4.64 21.15
CA ARG C 59 42.85 -3.76 21.66
C ARG C 59 43.84 -3.35 20.55
N ILE C 60 44.32 -2.12 20.62
CA ILE C 60 45.36 -1.66 19.72
C ILE C 60 46.63 -2.50 19.90
N PRO C 61 47.25 -2.96 18.78
CA PRO C 61 48.52 -3.70 18.90
C PRO C 61 49.64 -2.71 19.24
N VAL C 62 50.25 -2.89 20.42
CA VAL C 62 51.28 -1.94 20.85
C VAL C 62 52.64 -2.49 20.47
N GLY C 63 53.57 -1.59 20.18
CA GLY C 63 54.92 -2.07 19.83
C GLY C 63 55.81 -0.88 19.56
N ASP C 64 56.81 -1.09 18.70
CA ASP C 64 57.78 -0.05 18.47
C ASP C 64 57.38 0.91 17.37
N GLY C 65 56.21 0.70 16.78
CA GLY C 65 55.69 1.60 15.75
C GLY C 65 55.84 0.99 14.37
N THR C 66 56.56 -0.13 14.27
CA THR C 66 56.72 -0.81 12.99
C THR C 66 55.66 -1.88 12.83
N ASN C 67 55.54 -2.38 11.60
CA ASN C 67 54.60 -3.43 11.29
C ASN C 67 53.18 -3.17 11.82
N GLY C 68 52.70 -1.94 11.65
CA GLY C 68 51.35 -1.57 12.05
C GLY C 68 51.12 -1.44 13.54
N THR C 69 52.17 -1.52 14.36
CA THR C 69 52.01 -1.34 15.81
C THR C 69 51.91 0.15 16.19
N PHE C 70 51.31 0.40 17.34
CA PHE C 70 51.22 1.73 17.90
C PHE C 70 52.35 1.93 18.90
N ASN C 71 53.11 2.99 18.71
CA ASN C 71 54.15 3.40 19.65
C ASN C 71 53.82 4.81 20.09
N PRO C 72 53.23 4.96 21.30
CA PRO C 72 52.84 6.31 21.73
C PRO C 72 54.02 7.29 21.80
N ASP C 73 55.25 6.78 21.97
CA ASP C 73 56.43 7.64 22.08
C ASP C 73 56.67 8.40 20.79
N LEU C 74 56.11 7.90 19.69
CA LEU C 74 56.25 8.60 18.42
C LEU C 74 55.37 9.85 18.38
N HIS C 75 54.44 9.95 19.33
CA HIS C 75 53.42 11.02 19.31
C HIS C 75 53.44 11.95 20.51
N MET C 76 53.87 11.42 21.65
CA MET C 76 53.94 12.16 22.91
CA MET C 76 53.96 12.18 22.90
C MET C 76 55.12 11.62 23.70
N ASP C 77 55.87 12.52 24.36
CA ASP C 77 56.96 12.11 25.25
CA ASP C 77 56.95 12.11 25.23
C ASP C 77 56.39 11.21 26.34
N PRO C 78 57.15 10.16 26.75
CA PRO C 78 56.69 9.31 27.86
C PRO C 78 56.31 10.11 29.13
N LYS C 79 57.07 11.16 29.44
CA LYS C 79 56.76 12.04 30.57
C LYS C 79 55.35 12.64 30.43
N GLU C 80 54.97 12.97 29.20
CA GLU C 80 53.68 13.59 28.94
C GLU C 80 52.56 12.57 28.91
N GLN C 81 52.86 11.37 28.38
CA GLN C 81 51.91 10.24 28.41
C GLN C 81 51.42 9.95 29.82
N ARG C 82 52.31 10.09 30.80
CA ARG C 82 51.97 9.79 32.19
C ARG C 82 50.99 10.79 32.80
N LYS C 83 50.75 11.91 32.12
CA LYS C 83 49.89 12.98 32.66
C LYS C 83 48.49 12.93 32.10
N VAL C 84 48.21 11.95 31.25
CA VAL C 84 46.90 11.91 30.57
C VAL C 84 46.36 10.48 30.51
N ASP C 85 45.04 10.34 30.37
CA ASP C 85 44.48 9.03 30.05
C ASP C 85 44.71 8.66 28.58
N PRO C 86 44.66 7.36 28.24
CA PRO C 86 45.07 7.00 26.88
C PRO C 86 44.26 7.60 25.73
N PHE C 87 42.99 7.91 25.95
CA PHE C 87 42.22 8.57 24.88
C PHE C 87 42.91 9.83 24.30
N ILE C 88 43.64 10.57 25.14
CA ILE C 88 44.33 11.76 24.66
C ILE C 88 45.47 11.34 23.74
N VAL C 89 46.23 10.32 24.16
CA VAL C 89 47.36 9.82 23.34
C VAL C 89 46.87 9.25 22.00
N TYR C 90 45.77 8.50 22.02
CA TYR C 90 45.22 7.97 20.77
C TYR C 90 44.81 9.06 19.78
N ALA C 91 44.14 10.10 20.32
CA ALA C 91 43.75 11.25 19.54
C ALA C 91 44.96 11.95 18.88
N VAL C 92 46.02 12.14 19.65
CA VAL C 92 47.23 12.79 19.12
C VAL C 92 47.82 11.94 18.00
N GLY C 93 47.89 10.63 18.21
CA GLY C 93 48.46 9.73 17.19
C GLY C 93 47.64 9.78 15.90
N ALA C 94 46.32 9.69 16.02
CA ALA C 94 45.48 9.72 14.84
C ALA C 94 45.50 11.10 14.12
N ALA C 95 45.55 12.17 14.90
CA ALA C 95 45.66 13.54 14.33
C ALA C 95 46.99 13.74 13.61
N ASP C 96 48.09 13.29 14.23
CA ASP C 96 49.42 13.33 13.58
C ASP C 96 49.37 12.66 12.21
N GLN C 97 48.80 11.47 12.16
CA GLN C 97 48.63 10.76 10.89
C GLN C 97 47.82 11.57 9.88
N ALA C 98 46.69 12.10 10.33
CA ALA C 98 45.75 12.74 9.40
C ALA C 98 46.31 14.02 8.80
N LEU C 99 47.02 14.79 9.63
CA LEU C 99 47.70 16.00 9.16
C LEU C 99 48.87 15.69 8.23
N ASP C 100 49.61 14.62 8.51
CA ASP C 100 50.67 14.15 7.61
C ASP C 100 50.06 13.77 6.24
N ASP C 101 48.95 13.02 6.29
CA ASP C 101 48.25 12.56 5.10
C ASP C 101 47.72 13.77 4.28
N ALA C 102 47.16 14.76 4.95
CA ALA C 102 46.68 15.99 4.29
C ALA C 102 47.77 16.93 3.85
N GLY C 103 48.99 16.74 4.33
CA GLY C 103 50.07 17.67 4.04
C GLY C 103 49.75 19.06 4.56
N TRP C 104 49.18 19.13 5.77
CA TRP C 104 48.73 20.37 6.37
C TRP C 104 49.34 20.55 7.74
N HIS C 105 50.35 21.44 7.82
CA HIS C 105 50.98 21.78 9.07
C HIS C 105 51.09 23.31 9.13
N PRO C 106 50.06 23.96 9.68
CA PRO C 106 49.97 25.41 9.62
C PRO C 106 51.18 26.09 10.27
N GLU C 107 51.82 26.97 9.52
CA GLU C 107 52.99 27.69 10.02
C GLU C 107 52.75 29.20 10.07
N ASN C 108 51.92 29.72 9.17
CA ASN C 108 51.69 31.15 9.19
C ASN C 108 50.40 31.47 9.94
N ASP C 109 50.18 32.75 10.20
CA ASP C 109 49.12 33.12 11.13
C ASP C 109 47.75 32.72 10.59
N GLU C 110 47.54 32.98 9.31
CA GLU C 110 46.26 32.72 8.65
C GLU C 110 45.91 31.24 8.70
N ASP C 111 46.86 30.38 8.33
CA ASP C 111 46.59 28.94 8.27
C ASP C 111 46.34 28.39 9.69
N GLN C 112 46.98 28.99 10.69
CA GLN C 112 46.74 28.60 12.08
C GLN C 112 45.37 29.04 12.57
N VAL C 113 45.00 30.30 12.31
CA VAL C 113 43.69 30.75 12.78
C VAL C 113 42.50 30.17 12.04
N ARG C 114 42.73 29.65 10.84
CA ARG C 114 41.63 29.12 10.05
C ARG C 114 41.53 27.61 10.18
N THR C 115 42.39 27.00 11.02
CA THR C 115 42.34 25.55 11.21
C THR C 115 41.95 25.26 12.67
N GLY C 116 40.86 24.52 12.86
CA GLY C 116 40.43 24.19 14.24
C GLY C 116 40.43 22.68 14.45
N VAL C 117 39.89 22.26 15.62
CA VAL C 117 39.90 20.87 16.00
CA VAL C 117 39.92 20.87 16.06
C VAL C 117 38.61 20.55 16.75
N LEU C 118 38.00 19.44 16.39
CA LEU C 118 36.77 19.01 17.07
C LEU C 118 36.85 17.49 17.21
N ILE C 119 37.32 17.07 18.37
CA ILE C 119 37.46 15.66 18.69
C ILE C 119 36.62 15.33 19.91
N GLY C 120 35.74 14.34 19.76
CA GLY C 120 34.88 13.94 20.87
C GLY C 120 35.31 12.68 21.54
N SER C 121 34.74 12.41 22.71
CA SER C 121 34.87 11.10 23.36
C SER C 121 33.54 10.82 24.08
N GLY C 122 33.19 9.55 24.24
CA GLY C 122 31.96 9.17 24.92
C GLY C 122 32.12 9.17 26.43
N ILE C 123 33.25 8.66 26.91
CA ILE C 123 33.48 8.55 28.36
C ILE C 123 34.76 9.27 28.86
N GLY C 124 35.73 9.48 27.99
CA GLY C 124 36.92 10.24 28.41
C GLY C 124 37.69 9.44 29.45
N GLY C 125 38.10 10.08 30.55
CA GLY C 125 39.11 9.50 31.44
C GLY C 125 38.53 8.75 32.64
N ILE C 126 37.55 7.89 32.38
CA ILE C 126 36.89 7.10 33.42
C ILE C 126 37.90 6.31 34.28
N GLU C 127 38.88 5.71 33.62
CA GLU C 127 39.87 4.88 34.26
C GLU C 127 40.75 5.72 35.22
N GLY C 128 41.23 6.86 34.73
CA GLY C 128 42.08 7.73 35.53
C GLY C 128 41.32 8.39 36.66
N ILE C 129 40.02 8.65 36.46
CA ILE C 129 39.17 9.15 37.55
C ILE C 129 39.12 8.16 38.72
N VAL C 130 38.91 6.88 38.41
CA VAL C 130 38.89 5.84 39.44
C VAL C 130 40.25 5.78 40.16
N GLU C 131 41.32 5.89 39.39
CA GLU C 131 42.67 5.83 40.00
C GLU C 131 42.89 7.00 40.96
N ALA C 132 42.46 8.19 40.56
CA ALA C 132 42.59 9.36 41.43
C ALA C 132 41.71 9.21 42.66
N GLY C 133 40.53 8.62 42.48
CA GLY C 133 39.66 8.34 43.64
C GLY C 133 40.35 7.43 44.65
N TYR C 134 41.12 6.46 44.16
CA TYR C 134 41.89 5.59 45.04
C TYR C 134 42.97 6.39 45.74
N THR C 135 43.64 7.28 45.03
CA THR C 135 44.65 8.14 45.67
C THR C 135 44.02 9.02 46.75
N LEU C 136 42.86 9.58 46.44
CA LEU C 136 42.12 10.39 47.41
C LEU C 136 41.89 9.64 48.72
N ARG C 137 41.40 8.40 48.64
CA ARG C 137 41.09 7.59 49.82
CA ARG C 137 41.09 7.63 49.84
C ARG C 137 42.34 7.10 50.55
N ASP C 138 43.32 6.66 49.76
CA ASP C 138 44.51 5.98 50.28
C ASP C 138 45.60 6.90 50.79
N LYS C 139 45.80 8.01 50.09
CA LYS C 139 46.91 8.91 50.36
C LYS C 139 46.42 10.29 50.78
N GLY C 140 45.16 10.59 50.49
CA GLY C 140 44.57 11.88 50.89
C GLY C 140 44.51 12.91 49.77
N PRO C 141 43.66 13.94 49.92
CA PRO C 141 43.41 14.91 48.84
C PRO C 141 44.63 15.68 48.39
N ARG C 142 45.60 15.85 49.29
CA ARG C 142 46.77 16.64 48.99
C ARG C 142 47.76 15.93 48.06
N ARG C 143 47.60 14.62 47.88
CA ARG C 143 48.46 13.86 46.97
C ARG C 143 47.88 13.66 45.56
N ILE C 144 46.74 14.30 45.29
CA ILE C 144 46.16 14.21 43.94
C ILE C 144 47.08 14.97 43.01
N SER C 145 47.33 14.40 41.83
CA SER C 145 48.21 15.02 40.84
C SER C 145 47.63 16.33 40.30
N PRO C 146 48.49 17.35 40.13
CA PRO C 146 48.06 18.56 39.42
C PRO C 146 47.55 18.26 38.01
N PHE C 147 47.93 17.10 37.47
CA PHE C 147 47.48 16.73 36.12
C PHE C 147 46.18 15.92 36.11
N PHE C 148 45.62 15.65 37.28
CA PHE C 148 44.40 14.82 37.34
C PHE C 148 43.28 15.38 36.46
N ILE C 149 42.86 16.62 36.74
CA ILE C 149 41.76 17.23 35.99
C ILE C 149 42.07 17.33 34.49
N PRO C 150 43.14 18.05 34.12
CA PRO C 150 43.34 18.24 32.66
C PRO C 150 43.60 16.96 31.87
N GLY C 151 44.22 15.95 32.49
CA GLY C 151 44.47 14.69 31.78
C GLY C 151 43.25 13.80 31.63
N ARG C 152 42.13 14.23 32.22
CA ARG C 152 40.90 13.44 32.24
C ARG C 152 39.71 14.11 31.55
N LEU C 153 39.79 15.42 31.28
CA LEU C 153 38.70 16.16 30.63
C LEU C 153 38.57 15.75 29.17
N ILE C 154 37.34 15.54 28.71
CA ILE C 154 37.15 15.06 27.31
C ILE C 154 37.73 16.03 26.28
N ASN C 155 37.54 17.33 26.53
CA ASN C 155 37.96 18.34 25.54
C ASN C 155 39.47 18.52 25.48
N LEU C 156 40.20 17.89 26.39
CA LEU C 156 41.67 17.99 26.33
C LEU C 156 42.31 17.15 25.23
N ALA C 157 41.55 16.24 24.61
CA ALA C 157 42.06 15.64 23.36
C ALA C 157 42.17 16.73 22.29
N SER C 158 41.09 17.48 22.06
CA SER C 158 41.18 18.66 21.19
C SER C 158 42.27 19.62 21.63
N GLY C 159 42.37 19.82 22.95
CA GLY C 159 43.37 20.72 23.50
C GLY C 159 44.78 20.31 23.11
N HIS C 160 45.15 19.05 23.39
CA HIS C 160 46.51 18.58 23.08
C HIS C 160 46.82 18.64 21.59
N VAL C 161 45.85 18.24 20.76
CA VAL C 161 46.04 18.31 19.31
C VAL C 161 46.26 19.74 18.87
N SER C 162 45.45 20.67 19.38
CA SER C 162 45.56 22.09 19.03
CA SER C 162 45.56 22.09 19.01
C SER C 162 46.91 22.67 19.39
N ILE C 163 47.40 22.33 20.58
CA ILE C 163 48.66 22.85 21.10
C ILE C 163 49.83 22.29 20.28
N LYS C 164 49.79 21.00 20.00
CA LYS C 164 50.92 20.37 19.29
C LYS C 164 51.07 20.97 17.89
N HIS C 165 49.95 21.23 17.22
CA HIS C 165 49.97 21.61 15.81
C HIS C 165 49.61 23.07 15.54
N LYS C 166 49.48 23.85 16.61
CA LYS C 166 49.26 25.30 16.56
C LYS C 166 47.95 25.60 15.82
N LEU C 167 46.90 24.86 16.18
CA LEU C 167 45.62 25.04 15.54
C LEU C 167 44.78 25.98 16.36
N ARG C 168 44.53 27.18 15.80
CA ARG C 168 43.94 28.31 16.55
C ARG C 168 42.51 28.65 16.15
N GLY C 169 41.95 27.84 15.25
CA GLY C 169 40.56 27.98 14.86
C GLY C 169 39.69 27.39 15.97
N PRO C 170 38.38 27.25 15.70
CA PRO C 170 37.42 26.73 16.69
C PRO C 170 37.96 25.45 17.34
N ASN C 171 37.96 25.40 18.68
CA ASN C 171 38.51 24.27 19.45
C ASN C 171 37.30 23.76 20.22
N HIS C 172 36.81 22.60 19.81
CA HIS C 172 35.47 22.20 20.24
C HIS C 172 35.49 20.70 20.54
N SER C 173 34.45 20.20 21.25
CA SER C 173 34.39 18.79 21.57
C SER C 173 32.94 18.40 21.85
N VAL C 174 32.55 17.20 21.41
CA VAL C 174 31.17 16.70 21.66
C VAL C 174 31.23 15.39 22.41
N VAL C 175 30.11 15.00 23.00
CA VAL C 175 30.00 13.78 23.80
C VAL C 175 28.56 13.25 23.64
N THR C 176 28.41 12.22 22.82
CA THR C 176 27.10 11.68 22.50
C THR C 176 27.21 10.13 22.43
N ALA C 177 27.92 9.58 23.40
CA ALA C 177 28.08 8.13 23.55
C ALA C 177 28.48 7.51 22.20
N CYS C 178 27.74 6.49 21.71
CA CYS C 178 28.05 5.83 20.42
C CYS C 178 27.95 6.67 19.18
N ALA C 179 27.29 7.84 19.27
CA ALA C 179 27.13 8.72 18.14
C ALA C 179 28.25 9.75 18.03
N THR C 180 29.08 9.86 19.08
CA THR C 180 30.07 10.94 19.19
C THR C 180 30.87 11.21 17.92
N GLY C 181 31.49 10.17 17.36
CA GLY C 181 32.40 10.37 16.19
C GLY C 181 31.68 10.90 14.96
N THR C 182 30.41 10.52 14.83
CA THR C 182 29.61 10.99 13.73
C THR C 182 29.17 12.45 13.93
N HIS C 183 28.64 12.79 15.11
CA HIS C 183 28.38 14.20 15.45
C HIS C 183 29.64 15.06 15.26
N ALA C 184 30.80 14.56 15.68
CA ALA C 184 32.03 15.37 15.64
C ALA C 184 32.33 15.77 14.21
N ILE C 185 32.26 14.79 13.32
CA ILE C 185 32.59 15.04 11.92
C ILE C 185 31.54 15.92 11.26
N GLY C 186 30.27 15.66 11.53
CA GLY C 186 29.19 16.47 11.01
C GLY C 186 29.28 17.91 11.49
N ASP C 187 29.50 18.08 12.78
CA ASP C 187 29.58 19.45 13.35
C ASP C 187 30.84 20.19 12.80
N ALA C 188 31.95 19.47 12.70
CA ALA C 188 33.14 20.08 12.11
C ALA C 188 32.91 20.51 10.65
N ALA C 189 32.19 19.69 9.90
CA ALA C 189 31.90 20.05 8.50
C ALA C 189 31.06 21.32 8.45
N ARG C 190 30.13 21.45 9.39
CA ARG C 190 29.29 22.64 9.47
CA ARG C 190 29.28 22.64 9.49
C ARG C 190 30.09 23.88 9.84
N LEU C 191 31.09 23.74 10.71
CA LEU C 191 31.96 24.87 11.03
C LEU C 191 32.63 25.39 9.77
N ILE C 192 33.02 24.47 8.90
CA ILE C 192 33.67 24.89 7.65
C ILE C 192 32.60 25.46 6.70
N ALA C 193 31.51 24.74 6.55
CA ALA C 193 30.44 25.20 5.66
C ALA C 193 29.97 26.64 5.98
N PHE C 194 29.85 26.94 7.29
CA PHE C 194 29.32 28.23 7.76
C PHE C 194 30.38 29.36 7.83
N GLY C 195 31.63 28.98 7.59
CA GLY C 195 32.74 29.95 7.47
C GLY C 195 33.54 30.18 8.73
N ASP C 196 33.28 29.40 9.77
CA ASP C 196 34.04 29.55 11.02
C ASP C 196 35.48 29.03 10.94
N ALA C 197 35.73 28.17 9.96
CA ALA C 197 37.07 27.59 9.73
C ALA C 197 37.21 27.18 8.28
N ASP C 198 38.43 27.05 7.79
CA ASP C 198 38.64 26.55 6.43
C ASP C 198 39.15 25.12 6.44
N VAL C 199 39.71 24.71 7.57
CA VAL C 199 40.20 23.34 7.78
C VAL C 199 39.84 22.91 9.21
N MET C 200 39.41 21.66 9.38
CA MET C 200 39.14 21.10 10.72
C MET C 200 39.73 19.71 10.86
N VAL C 201 40.38 19.49 11.98
CA VAL C 201 40.81 18.15 12.38
C VAL C 201 39.67 17.59 13.22
N ALA C 202 39.02 16.52 12.76
CA ALA C 202 37.77 16.14 13.43
C ALA C 202 37.69 14.64 13.64
N GLY C 203 37.02 14.20 14.71
CA GLY C 203 36.84 12.77 14.94
C GLY C 203 36.49 12.42 16.36
N GLY C 204 36.89 11.23 16.77
CA GLY C 204 36.50 10.69 18.07
C GLY C 204 37.62 9.81 18.61
N THR C 205 37.73 9.75 19.93
CA THR C 205 38.75 8.95 20.60
C THR C 205 38.13 8.28 21.84
N GLU C 206 38.59 7.09 22.18
CA GLU C 206 38.11 6.40 23.37
C GLU C 206 39.18 5.45 23.92
N SER C 207 39.24 5.38 25.26
CA SER C 207 40.07 4.39 25.94
C SER C 207 39.23 3.66 26.99
N PRO C 208 38.25 2.85 26.56
CA PRO C 208 37.27 2.25 27.48
C PRO C 208 37.63 0.80 27.89
N VAL C 209 38.84 0.34 27.56
CA VAL C 209 39.22 -0.99 27.96
C VAL C 209 39.95 -0.91 29.30
N SER C 210 39.16 -1.02 30.38
CA SER C 210 39.67 -0.97 31.75
C SER C 210 38.71 -1.80 32.60
N ARG C 211 39.14 -2.17 33.81
CA ARG C 211 38.26 -2.92 34.69
C ARG C 211 36.96 -2.15 34.97
N ILE C 212 37.08 -0.87 35.28
CA ILE C 212 35.87 -0.12 35.66
C ILE C 212 34.88 -0.05 34.51
N SER C 213 35.39 0.17 33.30
CA SER C 213 34.54 0.26 32.12
C SER C 213 33.94 -1.13 31.76
N LEU C 214 34.77 -2.16 31.70
CA LEU C 214 34.24 -3.52 31.46
C LEU C 214 33.19 -3.92 32.49
N ALA C 215 33.48 -3.70 33.77
CA ALA C 215 32.50 -3.96 34.84
C ALA C 215 31.23 -3.12 34.63
N GLY C 216 31.39 -1.84 34.33
CA GLY C 216 30.22 -0.96 34.14
C GLY C 216 29.32 -1.36 32.99
N PHE C 217 29.90 -1.61 31.81
CA PHE C 217 29.09 -1.97 30.65
C PHE C 217 28.49 -3.38 30.75
N ALA C 218 29.15 -4.28 31.47
CA ALA C 218 28.56 -5.59 31.78
C ALA C 218 27.37 -5.42 32.74
N ALA C 219 27.49 -4.51 33.71
CA ALA C 219 26.41 -4.30 34.68
C ALA C 219 25.13 -3.86 34.01
N CYS C 220 25.24 -3.03 32.96
CA CYS C 220 24.07 -2.56 32.23
C CYS C 220 23.72 -3.46 31.03
N LYS C 221 24.30 -4.65 31.04
CA LYS C 221 23.98 -5.75 30.11
C LYS C 221 24.31 -5.42 28.65
N ALA C 222 25.33 -4.60 28.44
CA ALA C 222 25.64 -4.17 27.06
C ALA C 222 26.63 -5.04 26.32
N LEU C 223 27.40 -5.85 27.06
CA LEU C 223 28.54 -6.56 26.47
C LEU C 223 28.26 -8.03 26.20
N SER C 224 28.97 -8.55 25.20
CA SER C 224 29.01 -9.98 24.93
C SER C 224 29.60 -10.68 26.12
N THR C 225 28.93 -11.74 26.59
CA THR C 225 29.44 -12.51 27.72
C THR C 225 29.57 -14.01 27.43
N GLU C 226 29.07 -14.50 26.30
CA GLU C 226 29.05 -15.97 26.16
C GLU C 226 30.21 -16.55 25.36
N ARG C 227 31.12 -15.67 24.94
CA ARG C 227 32.19 -16.07 24.02
C ARG C 227 33.59 -15.64 24.51
N ASN C 228 33.78 -15.69 25.82
CA ASN C 228 35.06 -15.30 26.45
C ASN C 228 36.21 -16.22 26.04
N ASP C 229 35.89 -17.47 25.70
CA ASP C 229 36.88 -18.44 25.24
C ASP C 229 36.99 -18.50 23.72
N ASP C 230 36.21 -17.66 23.02
CA ASP C 230 36.23 -17.60 21.56
C ASP C 230 36.07 -16.14 21.11
N PRO C 231 37.05 -15.30 21.45
CA PRO C 231 36.84 -13.86 21.35
C PRO C 231 36.55 -13.34 19.92
N THR C 232 37.17 -13.95 18.89
CA THR C 232 37.01 -13.45 17.52
C THR C 232 35.65 -13.76 16.93
N ALA C 233 34.91 -14.66 17.57
CA ALA C 233 33.53 -14.97 17.21
C ALA C 233 32.47 -14.17 17.98
N ALA C 234 32.87 -13.38 18.99
CA ALA C 234 31.90 -12.72 19.86
C ALA C 234 31.07 -11.62 19.22
N SER C 235 31.73 -10.77 18.43
CA SER C 235 31.06 -9.67 17.74
C SER C 235 30.50 -10.19 16.41
N ARG C 236 29.17 -10.26 16.36
CA ARG C 236 28.47 -10.96 15.29
C ARG C 236 27.17 -10.22 14.96
N PRO C 237 27.29 -8.99 14.43
CA PRO C 237 26.13 -8.19 14.09
C PRO C 237 25.16 -8.91 13.17
N TYR C 238 23.87 -8.77 13.50
CA TYR C 238 22.74 -9.37 12.75
C TYR C 238 22.60 -10.88 12.91
N ASP C 239 23.53 -11.53 13.60
CA ASP C 239 23.50 -12.99 13.73
C ASP C 239 22.50 -13.40 14.83
N GLU C 240 21.83 -14.54 14.62
CA GLU C 240 20.87 -15.13 15.59
C GLU C 240 21.41 -15.23 17.02
N ASP C 241 22.72 -15.45 17.12
CA ASP C 241 23.35 -15.70 18.38
C ASP C 241 24.11 -14.53 19.04
N ARG C 242 23.88 -13.31 18.53
CA ARG C 242 24.55 -12.11 19.09
C ARG C 242 24.09 -11.94 20.55
N ASP C 243 24.96 -11.39 21.40
CA ASP C 243 24.64 -11.26 22.82
C ASP C 243 25.30 -10.04 23.47
N GLY C 244 25.61 -9.01 22.67
CA GLY C 244 26.17 -7.77 23.21
C GLY C 244 27.43 -7.38 22.47
N PHE C 245 27.83 -6.12 22.62
CA PHE C 245 29.01 -5.66 21.92
C PHE C 245 30.34 -6.05 22.56
N VAL C 246 31.40 -5.99 21.75
CA VAL C 246 32.75 -6.17 22.24
C VAL C 246 33.41 -4.80 22.17
N MET C 247 33.85 -4.29 23.32
CA MET C 247 34.39 -2.94 23.30
CA MET C 247 34.49 -2.98 23.47
C MET C 247 35.78 -2.90 22.69
N GLY C 248 36.03 -1.82 21.97
CA GLY C 248 37.32 -1.58 21.32
C GLY C 248 37.85 -0.23 21.81
N GLU C 249 39.06 0.13 21.39
CA GLU C 249 39.69 1.38 21.83
C GLU C 249 40.39 1.98 20.61
N GLY C 250 40.65 3.27 20.66
CA GLY C 250 41.43 3.91 19.61
C GLY C 250 40.82 5.25 19.23
N ALA C 251 41.20 5.74 18.06
CA ALA C 251 40.75 7.06 17.60
C ALA C 251 40.73 7.11 16.07
N GLY C 252 39.71 7.78 15.52
CA GLY C 252 39.65 8.03 14.08
C GLY C 252 39.60 9.52 13.86
N ILE C 253 40.34 10.00 12.87
CA ILE C 253 40.38 11.43 12.59
C ILE C 253 40.29 11.65 11.11
N VAL C 254 39.55 12.66 10.71
CA VAL C 254 39.58 13.13 9.34
C VAL C 254 40.05 14.57 9.31
N VAL C 255 40.77 14.94 8.25
CA VAL C 255 40.97 16.36 7.96
C VAL C 255 39.90 16.78 6.96
N LEU C 256 39.06 17.71 7.40
CA LEU C 256 38.04 18.31 6.54
C LEU C 256 38.51 19.66 6.07
N GLU C 257 38.12 20.04 4.87
CA GLU C 257 38.65 21.23 4.25
C GLU C 257 37.62 21.88 3.34
N GLU C 258 37.52 23.20 3.38
CA GLU C 258 36.64 23.86 2.44
C GLU C 258 37.15 23.57 1.01
N LEU C 259 36.22 23.33 0.09
CA LEU C 259 36.58 22.88 -1.26
C LEU C 259 37.56 23.77 -2.00
N GLU C 260 37.26 25.07 -2.11
CA GLU C 260 38.17 25.96 -2.85
C GLU C 260 39.57 26.01 -2.22
N HIS C 261 39.62 25.94 -0.89
CA HIS C 261 40.89 25.91 -0.14
C HIS C 261 41.68 24.67 -0.56
N ALA C 262 41.00 23.52 -0.62
CA ALA C 262 41.67 22.25 -1.00
C ALA C 262 42.21 22.33 -2.43
N LEU C 263 41.35 22.79 -3.34
CA LEU C 263 41.70 22.88 -4.77
C LEU C 263 42.86 23.85 -5.00
N ALA C 264 42.83 24.99 -4.33
CA ALA C 264 43.88 26.01 -4.49
C ALA C 264 45.28 25.55 -4.11
N ARG C 265 45.39 24.66 -3.11
CA ARG C 265 46.69 24.19 -2.64
C ARG C 265 47.05 22.82 -3.21
N GLY C 266 46.18 22.25 -4.05
CA GLY C 266 46.43 20.94 -4.66
C GLY C 266 46.32 19.74 -3.72
N ALA C 267 45.43 19.83 -2.72
CA ALA C 267 45.19 18.75 -1.77
C ALA C 267 44.52 17.56 -2.46
N LYS C 268 44.83 16.36 -2.00
CA LYS C 268 44.16 15.20 -2.57
CA LYS C 268 44.19 15.13 -2.48
C LYS C 268 42.80 15.07 -1.87
N ILE C 269 41.79 14.74 -2.67
CA ILE C 269 40.43 14.71 -2.16
C ILE C 269 39.93 13.29 -2.16
N TYR C 270 39.60 12.78 -0.99
CA TYR C 270 39.07 11.42 -0.87
C TYR C 270 37.59 11.32 -1.26
N ALA C 271 36.80 12.23 -0.72
CA ALA C 271 35.36 12.23 -0.87
C ALA C 271 34.83 13.56 -0.31
N GLU C 272 33.54 13.77 -0.52
CA GLU C 272 32.90 14.99 -0.08
C GLU C 272 31.94 14.62 1.05
N VAL C 273 31.87 15.45 2.08
CA VAL C 273 30.81 15.30 3.10
C VAL C 273 29.58 16.04 2.55
N ILE C 274 28.50 15.30 2.21
CA ILE C 274 27.30 15.94 1.63
C ILE C 274 26.02 15.96 2.49
N GLY C 275 25.97 15.13 3.53
CA GLY C 275 24.74 15.03 4.34
C GLY C 275 25.07 14.74 5.78
N TYR C 276 24.21 15.22 6.67
CA TYR C 276 24.36 15.02 8.12
C TYR C 276 22.97 15.16 8.68
N GLY C 277 22.56 14.20 9.49
CA GLY C 277 21.25 14.23 10.11
C GLY C 277 21.34 13.82 11.57
N MET C 278 20.39 14.30 12.37
CA MET C 278 20.35 14.02 13.82
C MET C 278 18.91 13.82 14.26
N SER C 279 18.72 13.00 15.31
CA SER C 279 17.39 12.88 15.94
C SER C 279 17.52 12.33 17.34
N GLY C 280 16.40 12.30 18.06
CA GLY C 280 16.32 11.72 19.39
C GLY C 280 15.18 10.70 19.47
N ASP C 281 15.43 9.57 20.13
CA ASP C 281 14.38 8.57 20.37
C ASP C 281 13.36 8.99 21.43
N ALA C 282 13.83 9.70 22.45
CA ALA C 282 13.03 10.09 23.62
C ALA C 282 12.32 8.88 24.26
N PHE C 283 13.05 7.77 24.36
CA PHE C 283 12.42 6.52 24.77
C PHE C 283 12.91 5.96 26.11
N HIS C 284 14.21 5.74 26.21
CA HIS C 284 14.79 5.01 27.34
C HIS C 284 16.26 5.38 27.44
N ILE C 285 16.80 5.33 28.65
CA ILE C 285 18.21 5.65 28.88
C ILE C 285 19.20 4.75 28.14
N THR C 286 18.84 3.47 27.92
CA THR C 286 19.76 2.53 27.27
C THR C 286 19.12 1.68 26.15
N ALA C 287 17.83 1.35 26.33
CA ALA C 287 17.11 0.45 25.42
C ALA C 287 16.75 1.13 24.10
N PRO C 288 16.78 0.35 23.00
CA PRO C 288 16.35 0.89 21.72
C PRO C 288 14.84 0.91 21.64
N THR C 289 14.29 1.80 20.85
CA THR C 289 12.87 1.75 20.55
C THR C 289 12.54 0.45 19.83
N GLU C 290 11.30 0.02 19.91
CA GLU C 290 10.90 -1.19 19.23
C GLU C 290 10.82 -0.91 17.74
N SER C 291 10.51 0.34 17.41
CA SER C 291 10.15 0.76 16.06
C SER C 291 11.36 1.21 15.23
N GLY C 292 12.40 1.68 15.89
CA GLY C 292 13.49 2.34 15.17
C GLY C 292 13.08 3.64 14.49
N GLU C 293 11.98 4.23 14.96
CA GLU C 293 11.47 5.45 14.32
C GLU C 293 12.47 6.64 14.37
N GLY C 294 13.24 6.76 15.46
CA GLY C 294 14.25 7.84 15.59
C GLY C 294 15.37 7.65 14.58
N ALA C 295 15.83 6.39 14.47
CA ALA C 295 16.89 6.05 13.51
C ALA C 295 16.40 6.34 12.09
N GLN C 296 15.15 6.01 11.78
CA GLN C 296 14.59 6.32 10.49
C GLN C 296 14.61 7.83 10.21
N ARG C 297 14.11 8.62 11.17
CA ARG C 297 14.09 10.08 10.98
C ARG C 297 15.49 10.67 10.82
N CYS C 298 16.46 10.11 11.54
CA CYS C 298 17.84 10.54 11.44
C CYS C 298 18.40 10.31 10.01
N MET C 299 18.23 9.09 9.52
CA MET C 299 18.65 8.77 8.15
C MET C 299 17.98 9.65 7.10
N VAL C 300 16.65 9.81 7.21
CA VAL C 300 15.89 10.63 6.28
C VAL C 300 16.40 12.07 6.25
N ALA C 301 16.69 12.62 7.43
CA ALA C 301 17.21 13.99 7.56
C ALA C 301 18.57 14.11 6.84
N ALA C 302 19.44 13.14 7.05
CA ALA C 302 20.77 13.13 6.43
C ALA C 302 20.69 13.03 4.90
N LEU C 303 19.78 12.19 4.40
CA LEU C 303 19.58 12.06 2.96
C LEU C 303 18.97 13.33 2.38
N LYS C 304 18.06 13.96 3.13
CA LYS C 304 17.46 15.19 2.66
C LYS C 304 18.52 16.28 2.58
N ARG C 305 19.36 16.35 3.62
CA ARG C 305 20.45 17.34 3.64
C ARG C 305 21.38 17.11 2.43
N ALA C 306 21.64 15.85 2.11
CA ALA C 306 22.51 15.48 1.00
C ALA C 306 21.89 15.71 -0.38
N GLY C 307 20.58 15.83 -0.44
CA GLY C 307 19.84 16.01 -1.70
C GLY C 307 19.87 14.72 -2.51
N ILE C 308 19.86 13.57 -1.85
CA ILE C 308 19.83 12.31 -2.59
C ILE C 308 18.61 11.47 -2.20
N VAL C 309 18.27 10.54 -3.07
CA VAL C 309 17.21 9.56 -2.81
C VAL C 309 17.88 8.22 -2.47
N PRO C 310 17.13 7.31 -1.83
CA PRO C 310 17.69 6.01 -1.42
C PRO C 310 18.30 5.21 -2.54
N ASP C 311 17.78 5.34 -3.76
CA ASP C 311 18.36 4.66 -4.92
C ASP C 311 19.84 5.02 -5.17
N GLU C 312 20.27 6.18 -4.66
CA GLU C 312 21.66 6.65 -4.84
C GLU C 312 22.61 6.14 -3.73
N ILE C 313 22.07 5.48 -2.70
CA ILE C 313 22.93 4.94 -1.67
C ILE C 313 23.53 3.63 -2.21
N ASP C 314 24.85 3.48 -2.08
CA ASP C 314 25.52 2.21 -2.46
C ASP C 314 25.89 1.36 -1.25
N TYR C 315 26.47 2.01 -0.24
CA TYR C 315 27.00 1.36 0.93
C TYR C 315 26.53 2.04 2.20
N ILE C 316 26.09 1.24 3.18
CA ILE C 316 25.75 1.72 4.51
C ILE C 316 26.70 1.05 5.50
N ASN C 317 27.44 1.86 6.26
CA ASN C 317 28.17 1.42 7.42
C ASN C 317 27.26 1.50 8.65
N ALA C 318 26.80 0.34 9.05
CA ALA C 318 25.75 0.26 10.08
C ALA C 318 26.27 0.71 11.45
N HIS C 319 25.33 1.05 12.33
CA HIS C 319 25.67 1.15 13.77
C HIS C 319 26.00 -0.30 14.25
N GLY C 320 25.07 -1.22 14.01
CA GLY C 320 25.33 -2.68 14.15
C GLY C 320 26.33 -3.14 15.21
N THR C 321 25.93 -2.97 16.46
CA THR C 321 26.81 -3.26 17.58
C THR C 321 26.88 -4.74 18.00
N SER C 322 26.06 -5.61 17.39
CA SER C 322 25.94 -7.03 17.81
C SER C 322 25.06 -7.18 19.06
N THR C 323 23.98 -6.42 19.10
CA THR C 323 23.03 -6.44 20.20
C THR C 323 21.67 -6.78 19.62
N MET C 324 20.71 -6.98 20.50
CA MET C 324 19.36 -7.29 20.05
C MET C 324 18.83 -6.23 19.08
N ALA C 325 19.18 -4.98 19.32
CA ALA C 325 18.75 -3.86 18.47
C ALA C 325 19.22 -3.87 17.00
N ASP C 326 20.19 -4.73 16.66
CA ASP C 326 20.67 -4.81 15.27
C ASP C 326 19.50 -4.95 14.27
N THR C 327 18.53 -5.78 14.62
CA THR C 327 17.40 -6.07 13.71
C THR C 327 16.43 -4.90 13.65
N ILE C 328 16.40 -4.10 14.72
CA ILE C 328 15.57 -2.90 14.73
C ILE C 328 16.15 -1.90 13.74
N GLU C 329 17.49 -1.76 13.73
CA GLU C 329 18.17 -0.87 12.79
C GLU C 329 17.95 -1.35 11.37
N LEU C 330 18.04 -2.67 11.17
CA LEU C 330 17.86 -3.25 9.84
C LEU C 330 16.45 -2.90 9.33
N GLY C 331 15.45 -3.09 10.20
CA GLY C 331 14.05 -2.78 9.85
C GLY C 331 13.88 -1.31 9.44
N ALA C 332 14.47 -0.42 10.24
CA ALA C 332 14.45 1.02 9.95
C ALA C 332 15.13 1.32 8.62
N VAL C 333 16.31 0.76 8.40
CA VAL C 333 16.97 0.95 7.11
C VAL C 333 16.05 0.47 5.95
N GLU C 334 15.45 -0.72 6.10
CA GLU C 334 14.52 -1.22 5.05
C GLU C 334 13.38 -0.25 4.76
N ARG C 335 12.84 0.38 5.79
CA ARG C 335 11.75 1.35 5.59
C ARG C 335 12.23 2.57 4.81
N VAL C 336 13.42 3.06 5.16
CA VAL C 336 13.99 4.24 4.50
C VAL C 336 14.27 3.97 3.02
N VAL C 337 14.84 2.80 2.70
CA VAL C 337 15.30 2.55 1.33
C VAL C 337 14.31 1.92 0.37
N GLY C 338 13.26 1.28 0.90
CA GLY C 338 12.22 0.70 0.07
C GLY C 338 12.83 -0.23 -0.95
N GLU C 339 12.46 -0.04 -2.21
CA GLU C 339 12.80 -0.98 -3.26
C GLU C 339 14.26 -0.92 -3.70
N ALA C 340 15.00 0.04 -3.16
CA ALA C 340 16.46 0.09 -3.36
C ALA C 340 17.21 -0.96 -2.54
N ALA C 341 16.52 -1.60 -1.57
CA ALA C 341 17.16 -2.58 -0.68
C ALA C 341 18.04 -3.59 -1.42
N ALA C 342 17.54 -4.11 -2.55
CA ALA C 342 18.28 -5.18 -3.24
C ALA C 342 19.59 -4.71 -3.91
N LYS C 343 19.80 -3.40 -4.00
CA LYS C 343 21.00 -2.90 -4.64
C LYS C 343 22.04 -2.41 -3.65
N ILE C 344 21.66 -2.31 -2.38
CA ILE C 344 22.48 -1.70 -1.32
C ILE C 344 23.23 -2.77 -0.54
N SER C 345 24.49 -2.50 -0.21
CA SER C 345 25.25 -3.30 0.75
C SER C 345 25.32 -2.57 2.08
N MET C 346 25.04 -3.26 3.17
CA MET C 346 25.18 -2.70 4.52
C MET C 346 25.97 -3.67 5.38
N SER C 347 27.06 -3.20 6.00
CA SER C 347 27.82 -4.07 6.88
C SER C 347 28.21 -3.32 8.13
N SER C 348 28.54 -4.08 9.18
CA SER C 348 29.04 -3.52 10.40
C SER C 348 30.50 -3.92 10.58
N THR C 349 31.36 -2.93 10.55
CA THR C 349 32.79 -3.14 10.82
C THR C 349 33.07 -3.37 12.29
N LYS C 350 32.06 -3.19 13.14
CA LYS C 350 32.21 -3.59 14.55
C LYS C 350 32.38 -5.10 14.67
N SER C 351 32.02 -5.84 13.62
CA SER C 351 32.28 -7.28 13.59
C SER C 351 33.77 -7.61 13.64
N SER C 352 34.60 -6.65 13.20
CA SER C 352 36.05 -6.80 13.09
C SER C 352 36.80 -6.09 14.20
N ILE C 353 36.45 -4.82 14.48
CA ILE C 353 37.23 -4.05 15.47
C ILE C 353 36.47 -3.76 16.75
N GLY C 354 35.26 -4.29 16.84
CA GLY C 354 34.38 -4.02 18.00
C GLY C 354 33.82 -2.61 18.00
N HIS C 355 33.30 -2.21 19.16
CA HIS C 355 32.59 -0.95 19.36
C HIS C 355 33.55 0.01 20.04
N LEU C 356 34.04 1.01 19.30
CA LEU C 356 34.97 2.00 19.86
C LEU C 356 34.24 3.15 20.57
N LEU C 357 32.95 2.98 20.81
CA LEU C 357 32.12 3.93 21.55
C LEU C 357 32.20 5.31 20.90
N GLY C 358 32.76 6.28 21.61
CA GLY C 358 32.88 7.62 21.08
C GLY C 358 33.75 7.73 19.83
N ALA C 359 34.65 6.76 19.62
CA ALA C 359 35.50 6.76 18.41
C ALA C 359 34.89 5.95 17.26
N ALA C 360 33.81 5.23 17.53
CA ALA C 360 33.22 4.34 16.51
C ALA C 360 32.84 5.07 15.24
N GLY C 361 32.09 6.17 15.39
CA GLY C 361 31.63 6.89 14.18
C GLY C 361 32.77 7.49 13.37
N ALA C 362 33.86 7.79 14.05
CA ALA C 362 35.02 8.36 13.39
C ALA C 362 35.78 7.30 12.61
N ALA C 363 36.08 6.18 13.26
CA ALA C 363 36.66 5.03 12.58
C ALA C 363 35.77 4.65 11.36
N GLU C 364 34.46 4.67 11.59
CA GLU C 364 33.53 4.19 10.57
C GLU C 364 33.38 5.20 9.42
N ALA C 365 33.60 6.49 9.71
CA ALA C 365 33.69 7.49 8.64
C ALA C 365 34.91 7.26 7.77
N VAL C 366 36.04 6.93 8.42
CA VAL C 366 37.27 6.58 7.68
C VAL C 366 36.99 5.36 6.78
N PHE C 367 36.37 4.34 7.34
CA PHE C 367 36.09 3.14 6.54
C PHE C 367 35.13 3.47 5.37
N SER C 368 34.11 4.29 5.63
CA SER C 368 33.14 4.64 4.59
C SER C 368 33.83 5.40 3.45
N THR C 369 34.80 6.25 3.81
CA THR C 369 35.61 6.99 2.85
C THR C 369 36.42 6.04 1.98
N LEU C 370 37.05 5.05 2.58
CA LEU C 370 37.90 4.13 1.86
C LEU C 370 37.07 3.14 1.05
N ALA C 371 35.83 2.88 1.48
CA ALA C 371 34.91 2.04 0.72
C ALA C 371 34.64 2.71 -0.62
N ILE C 372 34.44 4.02 -0.60
CA ILE C 372 34.28 4.79 -1.82
C ILE C 372 35.57 4.78 -2.67
N ARG C 373 36.70 5.03 -2.02
CA ARG C 373 37.98 5.12 -2.74
C ARG C 373 38.24 3.83 -3.50
N ASP C 374 38.00 2.71 -2.80
CA ASP C 374 38.43 1.41 -3.28
C ASP C 374 37.30 0.55 -3.85
N ASN C 375 36.07 1.07 -3.85
CA ASN C 375 34.91 0.34 -4.40
C ASN C 375 34.82 -1.07 -3.80
N ILE C 376 34.80 -1.10 -2.47
CA ILE C 376 34.70 -2.38 -1.78
C ILE C 376 33.96 -2.19 -0.46
N ALA C 377 33.01 -3.10 -0.18
CA ALA C 377 32.22 -3.06 1.06
C ALA C 377 32.89 -4.00 2.04
N PRO C 378 33.31 -3.50 3.22
CA PRO C 378 33.84 -4.38 4.27
C PRO C 378 32.81 -5.45 4.68
N ALA C 379 33.30 -6.59 5.15
CA ALA C 379 32.44 -7.70 5.58
C ALA C 379 31.73 -7.46 6.90
N THR C 380 30.58 -8.10 7.07
CA THR C 380 30.09 -8.40 8.42
C THR C 380 30.62 -9.78 8.82
N LEU C 381 31.71 -9.80 9.57
CA LEU C 381 32.27 -11.07 10.08
C LEU C 381 31.26 -11.75 11.00
N ASN C 382 31.37 -13.07 11.05
CA ASN C 382 30.61 -13.93 11.99
C ASN C 382 29.12 -14.01 11.69
N LEU C 383 28.69 -13.57 10.50
CA LEU C 383 27.25 -13.57 10.15
C LEU C 383 26.85 -14.97 9.66
N ASP C 384 26.80 -15.90 10.61
CA ASP C 384 26.66 -17.32 10.29
C ASP C 384 25.22 -17.66 10.00
N ASN C 385 24.30 -17.05 10.75
CA ASN C 385 22.86 -17.29 10.64
C ASN C 385 22.11 -16.01 10.88
N PRO C 386 21.85 -15.24 9.82
CA PRO C 386 21.14 -13.97 9.98
C PRO C 386 19.83 -14.12 10.77
N ALA C 387 19.61 -13.20 11.70
CA ALA C 387 18.43 -13.24 12.57
C ALA C 387 17.15 -12.81 11.83
N ALA C 388 17.30 -12.18 10.68
CA ALA C 388 16.16 -11.77 9.88
C ALA C 388 16.46 -11.98 8.40
N GLN C 389 15.41 -12.18 7.60
CA GLN C 389 15.59 -12.22 6.14
C GLN C 389 15.51 -10.78 5.60
N THR C 390 16.37 -10.48 4.63
CA THR C 390 16.40 -9.13 4.07
C THR C 390 16.91 -9.20 2.64
N ARG C 391 16.48 -8.24 1.82
CA ARG C 391 17.02 -8.13 0.48
C ARG C 391 18.35 -7.35 0.47
N ILE C 392 18.61 -6.64 1.58
CA ILE C 392 19.85 -5.91 1.69
C ILE C 392 21.03 -6.89 1.73
N ASP C 393 22.10 -6.56 1.01
CA ASP C 393 23.34 -7.34 1.08
C ASP C 393 24.09 -6.97 2.37
N LEU C 394 24.13 -7.88 3.35
CA LEU C 394 24.83 -7.64 4.61
C LEU C 394 26.31 -8.06 4.57
N VAL C 395 26.77 -8.42 3.37
CA VAL C 395 28.20 -8.67 3.11
C VAL C 395 28.76 -9.71 4.10
N PRO C 396 28.08 -10.86 4.23
CA PRO C 396 28.57 -11.77 5.26
C PRO C 396 29.95 -12.37 4.95
N HIS C 397 30.78 -12.46 6.00
CA HIS C 397 32.03 -13.27 5.99
C HIS C 397 33.22 -12.66 5.22
N LYS C 398 32.96 -12.15 4.03
CA LYS C 398 34.07 -11.67 3.16
C LYS C 398 33.68 -10.37 2.48
N PRO C 399 34.60 -9.41 2.38
CA PRO C 399 34.25 -8.14 1.71
C PRO C 399 33.87 -8.35 0.26
N ARG C 400 33.05 -7.44 -0.28
CA ARG C 400 32.61 -7.57 -1.64
C ARG C 400 32.97 -6.33 -2.45
N GLU C 401 33.71 -6.54 -3.53
CA GLU C 401 34.00 -5.44 -4.43
C GLU C 401 32.71 -5.08 -5.19
N ARG C 402 32.43 -3.79 -5.28
CA ARG C 402 31.22 -3.29 -5.95
C ARG C 402 31.36 -1.79 -6.12
N LYS C 403 30.53 -1.22 -6.99
CA LYS C 403 30.47 0.23 -7.16
C LYS C 403 30.03 0.84 -5.82
N ILE C 404 30.84 1.75 -5.27
CA ILE C 404 30.42 2.53 -4.12
C ILE C 404 30.80 3.99 -4.36
N ASP C 405 29.80 4.81 -4.67
CA ASP C 405 30.00 6.27 -4.88
C ASP C 405 29.39 7.07 -3.72
N VAL C 406 28.38 6.51 -3.04
CA VAL C 406 27.74 7.13 -1.89
C VAL C 406 27.70 6.16 -0.72
N ALA C 407 28.15 6.62 0.45
CA ALA C 407 28.11 5.86 1.68
C ALA C 407 27.33 6.60 2.76
N LEU C 408 26.49 5.85 3.48
CA LEU C 408 25.76 6.35 4.64
C LEU C 408 26.35 5.70 5.87
N SER C 409 26.71 6.52 6.86
CA SER C 409 27.22 5.93 8.11
C SER C 409 26.29 6.32 9.26
N ASN C 410 25.83 5.32 10.01
CA ASN C 410 24.86 5.53 11.12
C ASN C 410 25.46 5.28 12.48
N SER C 411 25.02 6.05 13.48
CA SER C 411 25.47 5.86 14.86
C SER C 411 24.31 6.21 15.76
N PHE C 412 23.89 5.23 16.55
CA PHE C 412 22.69 5.38 17.37
C PHE C 412 23.06 5.06 18.80
N GLY C 413 23.28 6.11 19.59
CA GLY C 413 23.87 6.00 20.92
C GLY C 413 22.98 5.95 22.14
N PHE C 414 23.55 5.47 23.24
CA PHE C 414 22.91 5.49 24.57
C PHE C 414 22.30 6.85 24.86
N GLY C 415 21.08 6.87 25.39
CA GLY C 415 20.39 8.11 25.71
C GLY C 415 19.44 8.44 24.55
N GLY C 416 19.49 7.63 23.49
CA GLY C 416 18.61 7.85 22.33
C GLY C 416 19.16 8.90 21.37
N THR C 417 20.48 9.09 21.35
CA THR C 417 21.07 10.15 20.52
C THR C 417 21.50 9.54 19.16
N ASN C 418 20.90 10.00 18.09
CA ASN C 418 21.19 9.48 16.80
C ASN C 418 21.88 10.47 15.85
N ALA C 419 22.83 9.99 15.08
CA ALA C 419 23.47 10.81 14.04
C ALA C 419 23.83 9.96 12.84
N SER C 420 23.72 10.55 11.64
CA SER C 420 24.08 9.88 10.37
C SER C 420 24.86 10.83 9.49
N LEU C 421 25.85 10.31 8.77
CA LEU C 421 26.60 11.12 7.79
C LEU C 421 26.45 10.51 6.42
N VAL C 422 26.43 11.36 5.38
CA VAL C 422 26.44 10.88 4.00
C VAL C 422 27.70 11.41 3.31
N LEU C 423 28.50 10.50 2.73
CA LEU C 423 29.73 10.84 2.01
C LEU C 423 29.53 10.47 0.55
N ARG C 424 30.14 11.24 -0.36
CA ARG C 424 30.05 10.87 -1.75
C ARG C 424 31.40 11.13 -2.43
N ARG C 425 31.69 10.32 -3.43
CA ARG C 425 32.82 10.62 -4.36
C ARG C 425 32.77 12.08 -4.80
N TYR C 426 33.94 12.68 -4.86
CA TYR C 426 34.05 14.05 -5.35
C TYR C 426 33.60 14.16 -6.81
N THR C 427 32.94 15.27 -7.10
CA THR C 427 32.72 15.69 -8.46
C THR C 427 32.72 17.20 -8.53
N ALA C 428 33.28 17.72 -9.62
CA ALA C 428 33.45 19.15 -9.82
C ALA C 428 32.21 19.94 -9.39
C1 EDO D . -12.71 14.88 -19.59
O1 EDO D . -12.45 16.26 -19.80
C2 EDO D . -13.84 14.74 -18.59
O2 EDO D . -15.09 14.88 -19.28
C1 EDO E . 0.59 -15.07 -6.72
O1 EDO E . -0.20 -15.56 -5.63
C2 EDO E . 1.98 -15.67 -6.65
O2 EDO E . 2.04 -16.56 -5.52
S SO4 F . 8.80 -9.79 -5.80
O1 SO4 F . 8.06 -10.57 -6.79
O2 SO4 F . 8.11 -9.84 -4.52
O3 SO4 F . 10.15 -10.33 -5.65
O4 SO4 F . 8.88 -8.41 -6.25
S SO4 G . 9.12 -12.80 0.47
O1 SO4 G . 8.68 -14.11 0.02
O2 SO4 G . 8.57 -12.54 1.81
O3 SO4 G . 10.58 -12.76 0.51
O4 SO4 G . 8.65 -11.78 -0.45
S SO4 H . 57.06 -0.38 9.01
O1 SO4 H . 55.72 -0.02 8.53
O2 SO4 H . 57.44 0.56 10.06
O3 SO4 H . 57.03 -1.76 9.50
O4 SO4 H . 58.03 -0.22 7.92
C1 EDO I . 49.41 4.29 7.22
O1 EDO I . 48.38 4.45 6.25
C2 EDO I . 49.97 2.92 7.06
O2 EDO I . 49.08 2.11 7.80
#